data_6GXQ
#
_entry.id   6GXQ
#
_cell.length_a   114.876
_cell.length_b   114.424
_cell.length_c   68.232
_cell.angle_alpha   90.00
_cell.angle_beta   108.36
_cell.angle_gamma   90.00
#
_symmetry.space_group_name_H-M   'C 1 2 1'
#
loop_
_entity.id
_entity.type
_entity.pdbx_description
1 polymer Phosphodiesterase
2 non-polymer 'MAGNESIUM ION'
3 non-polymer 'ZINC ION'
4 non-polymer GUANIDINE
5 non-polymer 3-[5-[(4aR,8aS)-4-OXIDANYLIDENE-3-PROPAN-2-YL-4a,5,8,8a-TETRAHYDROPHTHALAZIN-1-YL]-2-METHOXY-PHENYL]-N-(PHENYLMETHYL)PROP-2-YNAMIDE
6 non-polymer GLYCEROL
7 water water
#
_entity_poly.entity_id   1
_entity_poly.type   'polypeptide(L)'
_entity_poly.pdbx_seq_one_letter_code
;GSHMASELNEHRATLFNKNVPSRAVKRVTAITKVEREAVLVCELPSFDVTDVEFDLFRARESTDKPLDVAAAIAYRLLLG
SGLPQKFGCSDEVLLNFILQCRKKYRNVPYHNFYHVVDVCQTIHTFLYRGNVYEKLTELECFVLLITALVHDLDHMGLNN
SFYLKTESPLGILSSASGNTSVLEVHHCNLAVEILSDPESDVFDGLEGAERTLAFRSMIDCVLATDMAKHGSALEAFLAS
AADQSSDEAAFHRMTMEIILKAGDISNVTKPFDISRQWAMAVTEEFYRQGDMEKERGVEVLPMFDRSKNMELAKGQIGFI
DFVAAPFFQKIVDACLQGMQWTVDRIKSNRAQWERVLETR
;
_entity_poly.pdbx_strand_id   A,B
#
# COMPACT_ATOMS: atom_id res chain seq x y z
N VAL A 28 16.63 -22.50 -34.42
CA VAL A 28 15.72 -21.31 -34.30
C VAL A 28 16.07 -20.31 -35.41
N THR A 29 15.05 -19.66 -35.98
CA THR A 29 15.23 -18.62 -36.99
C THR A 29 15.86 -17.38 -36.37
N ALA A 30 16.82 -16.77 -37.07
CA ALA A 30 17.50 -15.56 -36.60
C ALA A 30 16.49 -14.41 -36.47
N ILE A 31 16.77 -13.51 -35.53
CA ILE A 31 15.95 -12.32 -35.31
C ILE A 31 16.25 -11.30 -36.41
N THR A 32 15.18 -10.79 -37.04
CA THR A 32 15.30 -9.81 -38.13
C THR A 32 15.50 -8.40 -37.54
N LYS A 33 15.97 -7.48 -38.41
CA LYS A 33 16.20 -6.09 -38.06
C LYS A 33 14.86 -5.41 -37.73
N VAL A 34 13.78 -5.81 -38.40
CA VAL A 34 12.45 -5.21 -38.20
C VAL A 34 11.93 -5.58 -36.80
N GLU A 35 12.23 -6.80 -36.35
CA GLU A 35 11.84 -7.28 -35.02
C GLU A 35 12.56 -6.43 -33.97
N ARG A 36 13.86 -6.19 -34.15
CA ARG A 36 14.66 -5.36 -33.22
C ARG A 36 14.12 -3.92 -33.17
N GLU A 37 13.85 -3.33 -34.34
CA GLU A 37 13.42 -1.93 -34.47
C GLU A 37 12.12 -1.71 -33.69
N ALA A 38 11.16 -2.64 -33.85
CA ALA A 38 9.85 -2.60 -33.17
C ALA A 38 10.02 -2.49 -31.65
N VAL A 39 11.13 -3.02 -31.10
CA VAL A 39 11.40 -2.90 -29.67
C VAL A 39 12.10 -1.56 -29.40
N LEU A 40 13.08 -1.22 -30.23
CA LEU A 40 13.91 -0.02 -30.04
C LEU A 40 13.04 1.24 -30.14
N VAL A 41 11.95 1.16 -30.91
CA VAL A 41 10.92 2.19 -31.02
C VAL A 41 10.36 2.57 -29.63
N CYS A 42 10.05 1.58 -28.80
CA CYS A 42 9.30 1.80 -27.53
C CYS A 42 10.14 2.65 -26.55
N GLU A 43 9.52 3.70 -26.01
CA GLU A 43 10.25 4.75 -25.28
C GLU A 43 9.96 4.70 -23.77
N LEU A 44 8.85 4.06 -23.38
CA LEU A 44 8.49 3.86 -21.97
C LEU A 44 8.40 5.22 -21.26
N PRO A 45 7.64 6.18 -21.82
CA PRO A 45 7.56 7.52 -21.24
C PRO A 45 6.78 7.38 -19.93
N SER A 46 7.36 7.91 -18.85
CA SER A 46 6.72 8.00 -17.53
C SER A 46 7.04 6.76 -16.67
N PHE A 47 7.76 5.78 -17.20
CA PHE A 47 8.05 4.55 -16.47
C PHE A 47 9.49 4.61 -15.94
N ASP A 48 9.65 4.23 -14.67
CA ASP A 48 10.95 3.91 -14.06
C ASP A 48 11.01 2.39 -13.83
N VAL A 49 11.66 1.70 -14.77
CA VAL A 49 11.74 0.24 -14.74
C VAL A 49 12.55 -0.22 -13.53
N THR A 50 13.29 0.65 -12.85
CA THR A 50 14.11 0.23 -11.73
C THR A 50 13.34 0.29 -10.40
N ASP A 51 12.12 0.84 -10.42
CA ASP A 51 11.39 1.18 -9.22
C ASP A 51 10.62 -0.05 -8.69
N VAL A 52 10.55 -0.21 -7.36
CA VAL A 52 9.80 -1.33 -6.76
C VAL A 52 8.28 -1.19 -6.98
N GLU A 53 7.81 -0.03 -7.44
CA GLU A 53 6.39 0.20 -7.66
C GLU A 53 6.08 0.26 -9.16
N PHE A 54 7.08 -0.02 -10.00
CA PHE A 54 6.86 -0.12 -11.42
C PHE A 54 5.69 -1.08 -11.66
N ASP A 55 4.85 -0.74 -12.63
CA ASP A 55 3.58 -1.40 -12.87
C ASP A 55 3.56 -1.87 -14.32
N LEU A 56 3.83 -3.17 -14.51
CA LEU A 56 3.92 -3.81 -15.81
C LEU A 56 2.55 -3.88 -16.48
N PHE A 57 1.49 -3.99 -15.68
CA PHE A 57 0.12 -3.97 -16.21
C PHE A 57 -0.15 -2.60 -16.84
N ARG A 58 0.24 -1.53 -16.12
CA ARG A 58 0.12 -0.17 -16.68
C ARG A 58 0.96 -0.07 -17.96
N ALA A 59 2.20 -0.59 -17.93
CA ALA A 59 3.08 -0.60 -19.13
C ALA A 59 2.42 -1.32 -20.33
N ARG A 60 1.75 -2.44 -20.04
CA ARG A 60 1.11 -3.24 -21.08
C ARG A 60 -0.09 -2.49 -21.67
N GLU A 61 -0.85 -1.81 -20.81
CA GLU A 61 -2.03 -1.03 -21.22
C GLU A 61 -1.60 0.21 -22.02
N SER A 62 -0.37 0.68 -21.76
CA SER A 62 0.14 1.96 -22.26
C SER A 62 0.16 2.02 -23.80
N THR A 63 0.02 0.86 -24.44
CA THR A 63 0.42 0.69 -25.81
C THR A 63 -0.47 -0.37 -26.45
N ASP A 64 -0.44 -0.43 -27.78
CA ASP A 64 -1.19 -1.39 -28.57
C ASP A 64 -0.30 -2.62 -28.87
N LYS A 65 1.01 -2.52 -28.58
CA LYS A 65 1.99 -3.60 -28.79
C LYS A 65 2.65 -3.96 -27.47
N PRO A 66 1.91 -4.60 -26.53
CA PRO A 66 2.46 -4.90 -25.21
C PRO A 66 3.71 -5.82 -25.26
N LEU A 67 3.76 -6.72 -26.24
CA LEU A 67 4.90 -7.63 -26.37
C LEU A 67 6.19 -6.85 -26.67
N ASP A 68 6.09 -5.75 -27.43
CA ASP A 68 7.25 -4.93 -27.77
C ASP A 68 7.70 -4.13 -26.53
N VAL A 69 6.74 -3.56 -25.79
CA VAL A 69 7.01 -2.78 -24.61
C VAL A 69 7.67 -3.66 -23.54
N ALA A 70 7.17 -4.89 -23.37
CA ALA A 70 7.73 -5.86 -22.40
C ALA A 70 9.21 -6.12 -22.75
N ALA A 71 9.47 -6.40 -24.03
CA ALA A 71 10.82 -6.64 -24.53
C ALA A 71 11.70 -5.43 -24.24
N ALA A 72 11.14 -4.22 -24.45
CA ALA A 72 11.87 -2.98 -24.25
C ALA A 72 12.20 -2.81 -22.77
N ILE A 73 11.28 -3.24 -21.90
CA ILE A 73 11.53 -3.14 -20.47
C ILE A 73 12.74 -4.03 -20.12
N ALA A 74 12.72 -5.28 -20.61
CA ALA A 74 13.80 -6.23 -20.37
C ALA A 74 15.12 -5.66 -20.89
N TYR A 75 15.07 -5.10 -22.09
CA TYR A 75 16.23 -4.53 -22.76
C TYR A 75 16.84 -3.42 -21.90
N ARG A 76 15.99 -2.47 -21.47
CA ARG A 76 16.44 -1.32 -20.71
C ARG A 76 16.99 -1.76 -19.36
N LEU A 77 16.35 -2.75 -18.71
CA LEU A 77 16.82 -3.23 -17.43
C LEU A 77 18.25 -3.76 -17.63
N LEU A 78 18.45 -4.55 -18.68
CA LEU A 78 19.76 -5.24 -18.85
C LEU A 78 20.85 -4.21 -19.19
N LEU A 79 20.59 -3.31 -20.15
CA LEU A 79 21.57 -2.26 -20.56
C LEU A 79 21.87 -1.31 -19.41
N GLY A 80 20.82 -0.90 -18.68
CA GLY A 80 20.95 0.01 -17.56
C GLY A 80 21.75 -0.55 -16.40
N SER A 81 21.74 -1.88 -16.25
CA SER A 81 22.54 -2.58 -15.23
C SER A 81 24.04 -2.37 -15.49
N GLY A 82 24.39 -2.18 -16.76
CA GLY A 82 25.78 -2.02 -17.19
C GLY A 82 26.51 -3.35 -17.34
N LEU A 83 25.79 -4.46 -17.12
CA LEU A 83 26.38 -5.79 -17.01
C LEU A 83 26.67 -6.40 -18.38
N PRO A 84 25.75 -6.36 -19.37
CA PRO A 84 26.04 -7.01 -20.66
C PRO A 84 27.31 -6.44 -21.32
N GLN A 85 27.44 -5.12 -21.29
CA GLN A 85 28.60 -4.39 -21.82
C GLN A 85 29.89 -4.98 -21.22
N LYS A 86 29.91 -5.20 -19.90
CA LYS A 86 31.10 -5.71 -19.19
C LYS A 86 31.44 -7.15 -19.58
N PHE A 87 30.49 -7.89 -20.17
CA PHE A 87 30.73 -9.29 -20.46
C PHE A 87 30.71 -9.54 -21.96
N GLY A 88 31.05 -8.51 -22.73
CA GLY A 88 31.20 -8.64 -24.19
C GLY A 88 29.91 -9.01 -24.88
N CYS A 89 28.79 -8.69 -24.25
CA CYS A 89 27.49 -8.94 -24.89
C CYS A 89 27.07 -7.63 -25.55
N SER A 90 26.92 -7.64 -26.86
CA SER A 90 26.54 -6.42 -27.61
C SER A 90 25.06 -6.11 -27.40
N ASP A 91 24.69 -4.86 -27.61
CA ASP A 91 23.31 -4.40 -27.54
C ASP A 91 22.41 -5.28 -28.41
N GLU A 92 22.94 -5.69 -29.58
CA GLU A 92 22.17 -6.42 -30.58
C GLU A 92 21.98 -7.88 -30.18
N VAL A 93 23.02 -8.49 -29.64
CA VAL A 93 22.92 -9.91 -29.20
C VAL A 93 21.97 -9.97 -28.01
N LEU A 94 21.99 -8.94 -27.16
CA LEU A 94 21.08 -8.86 -26.02
C LEU A 94 19.64 -8.81 -26.51
N LEU A 95 19.36 -7.91 -27.44
CA LEU A 95 18.00 -7.77 -27.95
C LEU A 95 17.59 -9.05 -28.68
N ASN A 96 18.52 -9.69 -29.40
CA ASN A 96 18.21 -10.95 -30.11
C ASN A 96 17.76 -12.01 -29.10
N PHE A 97 18.55 -12.17 -28.04
CA PHE A 97 18.28 -13.11 -26.99
C PHE A 97 16.86 -12.88 -26.44
N ILE A 98 16.56 -11.63 -26.10
CA ILE A 98 15.28 -11.28 -25.50
C ILE A 98 14.14 -11.71 -26.44
N LEU A 99 14.29 -11.47 -27.74
CA LEU A 99 13.25 -11.74 -28.74
C LEU A 99 13.13 -13.24 -29.00
N GLN A 100 14.25 -13.98 -28.91
CA GLN A 100 14.20 -15.46 -29.02
C GLN A 100 13.46 -16.08 -27.84
N CYS A 101 13.71 -15.55 -26.63
CA CYS A 101 12.97 -15.94 -25.43
C CYS A 101 11.48 -15.66 -25.66
N ARG A 102 11.16 -14.45 -26.12
CA ARG A 102 9.76 -14.03 -26.32
C ARG A 102 9.01 -15.01 -27.22
N LYS A 103 9.62 -15.39 -28.34
CA LYS A 103 9.02 -16.31 -29.33
C LYS A 103 8.57 -17.64 -28.71
N LYS A 104 9.21 -18.03 -27.59
CA LYS A 104 8.97 -19.36 -27.00
C LYS A 104 7.99 -19.29 -25.83
N TYR A 105 7.40 -18.12 -25.56
CA TYR A 105 6.34 -18.06 -24.55
C TYR A 105 5.02 -18.11 -25.28
N ARG A 106 4.04 -18.72 -24.63
CA ARG A 106 2.74 -18.96 -25.19
C ARG A 106 1.76 -17.94 -24.61
N ASN A 107 0.60 -17.89 -25.27
CA ASN A 107 -0.49 -17.06 -24.85
C ASN A 107 -1.29 -17.85 -23.80
N VAL A 108 -0.71 -18.06 -22.62
CA VAL A 108 -1.43 -18.57 -21.45
C VAL A 108 -1.70 -17.39 -20.52
N PRO A 109 -2.62 -17.52 -19.54
CA PRO A 109 -2.98 -16.38 -18.69
C PRO A 109 -1.87 -15.85 -17.78
N TYR A 110 -1.01 -16.72 -17.22
CA TYR A 110 -0.01 -16.31 -16.22
C TYR A 110 1.43 -16.57 -16.69
N HIS A 111 1.74 -17.84 -17.02
CA HIS A 111 3.11 -18.25 -17.36
C HIS A 111 3.47 -17.87 -18.79
N ASN A 112 3.42 -16.56 -19.07
CA ASN A 112 3.66 -16.00 -20.41
C ASN A 112 4.87 -15.07 -20.32
N PHE A 113 5.12 -14.27 -21.37
CA PHE A 113 6.31 -13.44 -21.46
C PHE A 113 6.29 -12.33 -20.40
N TYR A 114 5.10 -11.88 -20.01
CA TYR A 114 4.97 -10.80 -19.06
C TYR A 114 5.43 -11.30 -17.68
N HIS A 115 5.15 -12.55 -17.36
CA HIS A 115 5.62 -13.11 -16.09
C HIS A 115 7.15 -13.08 -16.01
N VAL A 116 7.82 -13.49 -17.08
CA VAL A 116 9.28 -13.60 -16.99
C VAL A 116 9.91 -12.21 -17.04
N VAL A 117 9.27 -11.27 -17.72
CA VAL A 117 9.77 -9.90 -17.71
C VAL A 117 9.57 -9.32 -16.31
N ASP A 118 8.43 -9.65 -15.69
CA ASP A 118 8.14 -9.19 -14.37
C ASP A 118 9.19 -9.74 -13.39
N VAL A 119 9.55 -11.01 -13.55
CA VAL A 119 10.51 -11.65 -12.65
C VAL A 119 11.88 -10.97 -12.84
N CYS A 120 12.25 -10.66 -14.09
CA CYS A 120 13.47 -9.94 -14.43
C CYS A 120 13.54 -8.59 -13.73
N GLN A 121 12.48 -7.79 -13.90
CA GLN A 121 12.34 -6.49 -13.29
C GLN A 121 12.41 -6.61 -11.76
N THR A 122 11.72 -7.60 -11.20
CA THR A 122 11.66 -7.77 -9.77
C THR A 122 13.06 -8.09 -9.23
N ILE A 123 13.74 -9.05 -9.89
CA ILE A 123 15.12 -9.43 -9.48
C ILE A 123 16.04 -8.21 -9.51
N HIS A 124 15.92 -7.39 -10.55
CA HIS A 124 16.68 -6.12 -10.63
C HIS A 124 16.49 -5.32 -9.33
N THR A 125 15.23 -5.15 -8.91
CA THR A 125 14.94 -4.40 -7.70
C THR A 125 15.59 -5.07 -6.49
N PHE A 126 15.51 -6.40 -6.40
CA PHE A 126 16.11 -7.12 -5.28
C PHE A 126 17.63 -6.90 -5.25
N LEU A 127 18.26 -6.97 -6.42
CA LEU A 127 19.70 -6.80 -6.52
C LEU A 127 20.07 -5.36 -6.13
N TYR A 128 19.40 -4.38 -6.72
CA TYR A 128 19.92 -3.00 -6.68
C TYR A 128 19.21 -2.15 -5.63
N ARG A 129 17.89 -2.30 -5.47
CA ARG A 129 17.19 -1.59 -4.39
C ARG A 129 17.37 -2.34 -3.07
N GLY A 130 17.40 -3.68 -3.09
CA GLY A 130 17.60 -4.46 -1.86
C GLY A 130 19.05 -4.75 -1.53
N ASN A 131 19.95 -4.33 -2.41
CA ASN A 131 21.41 -4.43 -2.24
C ASN A 131 21.87 -5.88 -2.18
N VAL A 132 21.13 -6.80 -2.80
CA VAL A 132 21.56 -8.17 -2.84
C VAL A 132 22.77 -8.28 -3.79
N TYR A 133 22.94 -7.32 -4.70
CA TYR A 133 24.09 -7.29 -5.60
C TYR A 133 25.40 -7.43 -4.82
N GLU A 134 25.38 -6.96 -3.55
CA GLU A 134 26.57 -6.95 -2.72
C GLU A 134 27.04 -8.38 -2.42
N LYS A 135 26.12 -9.36 -2.46
CA LYS A 135 26.38 -10.75 -2.09
C LYS A 135 26.94 -11.56 -3.28
N LEU A 136 26.86 -10.98 -4.47
CA LEU A 136 27.20 -11.74 -5.69
C LEU A 136 28.23 -11.01 -6.54
N THR A 137 28.79 -11.74 -7.49
CA THR A 137 29.70 -11.12 -8.46
C THR A 137 28.85 -10.45 -9.55
N GLU A 138 29.49 -9.63 -10.36
CA GLU A 138 28.78 -8.94 -11.44
C GLU A 138 28.28 -9.99 -12.43
N LEU A 139 29.08 -10.99 -12.73
CA LEU A 139 28.66 -12.08 -13.64
C LEU A 139 27.39 -12.76 -13.10
N GLU A 140 27.40 -13.15 -11.82
CA GLU A 140 26.22 -13.76 -11.19
C GLU A 140 24.99 -12.84 -11.30
N CYS A 141 25.16 -11.53 -11.12
CA CYS A 141 24.00 -10.59 -11.28
C CYS A 141 23.47 -10.63 -12.72
N PHE A 142 24.42 -10.70 -13.68
CA PHE A 142 24.11 -10.74 -15.08
C PHE A 142 23.34 -12.03 -15.38
N VAL A 143 23.85 -13.15 -14.84
CA VAL A 143 23.23 -14.44 -15.04
C VAL A 143 21.79 -14.40 -14.48
N LEU A 144 21.62 -13.81 -13.30
CA LEU A 144 20.25 -13.80 -12.69
C LEU A 144 19.24 -13.10 -13.59
N LEU A 145 19.63 -11.95 -14.14
CA LEU A 145 18.73 -11.14 -14.95
C LEU A 145 18.37 -11.88 -16.25
N ILE A 146 19.36 -12.57 -16.82
CA ILE A 146 19.19 -13.36 -18.01
C ILE A 146 18.33 -14.59 -17.72
N THR A 147 18.61 -15.28 -16.62
CA THR A 147 17.90 -16.50 -16.25
C THR A 147 16.41 -16.20 -16.06
N ALA A 148 16.08 -15.00 -15.55
CA ALA A 148 14.69 -14.65 -15.33
C ALA A 148 13.90 -14.83 -16.63
N LEU A 149 14.52 -14.51 -17.77
CA LEU A 149 13.83 -14.48 -19.07
C LEU A 149 13.71 -15.89 -19.68
N VAL A 150 14.54 -16.84 -19.22
CA VAL A 150 14.46 -18.23 -19.74
C VAL A 150 13.66 -19.13 -18.81
N HIS A 151 13.34 -18.69 -17.58
CA HIS A 151 13.08 -19.68 -16.49
C HIS A 151 11.75 -20.45 -16.63
N ASP A 152 10.89 -20.02 -17.57
CA ASP A 152 9.60 -20.66 -17.83
C ASP A 152 9.35 -20.90 -19.34
N LEU A 153 10.41 -21.00 -20.16
CA LEU A 153 10.26 -21.09 -21.63
C LEU A 153 9.31 -22.23 -21.98
N ASP A 154 8.30 -21.91 -22.80
CA ASP A 154 7.41 -22.83 -23.44
C ASP A 154 6.50 -23.49 -22.41
N HIS A 155 6.23 -22.79 -21.30
CA HIS A 155 5.17 -23.14 -20.35
C HIS A 155 3.83 -23.14 -21.08
N MET A 156 3.03 -24.18 -20.80
CA MET A 156 1.79 -24.47 -21.53
C MET A 156 0.58 -24.22 -20.62
N GLY A 157 0.82 -23.70 -19.41
CA GLY A 157 -0.25 -23.36 -18.45
C GLY A 157 -0.65 -24.54 -17.56
N LEU A 158 0.19 -25.58 -17.56
CA LEU A 158 -0.04 -26.79 -16.80
C LEU A 158 1.18 -27.06 -15.95
N ASN A 159 0.95 -27.50 -14.71
CA ASN A 159 2.00 -27.74 -13.75
C ASN A 159 2.57 -29.15 -13.95
N ASN A 160 3.63 -29.46 -13.19
CA ASN A 160 4.38 -30.69 -13.32
C ASN A 160 3.43 -31.86 -13.06
N SER A 161 2.59 -31.68 -12.04
CA SER A 161 1.67 -32.71 -11.57
C SER A 161 0.72 -33.18 -12.70
N PHE A 162 0.26 -32.25 -13.55
CA PHE A 162 -0.64 -32.60 -14.63
C PHE A 162 0.01 -33.62 -15.57
N TYR A 163 1.28 -33.38 -15.93
CA TYR A 163 1.99 -34.24 -16.89
C TYR A 163 2.15 -35.64 -16.29
N LEU A 164 2.43 -35.74 -14.99
CA LEU A 164 2.63 -37.03 -14.35
C LEU A 164 1.27 -37.76 -14.21
N LYS A 165 0.24 -37.08 -13.70
CA LYS A 165 -1.09 -37.68 -13.47
C LYS A 165 -1.71 -38.20 -14.79
N THR A 166 -1.53 -37.46 -15.89
CA THR A 166 -2.13 -37.83 -17.17
C THR A 166 -1.23 -38.77 -17.99
N GLU A 167 -0.05 -39.14 -17.46
CA GLU A 167 0.91 -39.97 -18.22
C GLU A 167 1.11 -39.38 -19.62
N SER A 168 1.22 -38.04 -19.66
CA SER A 168 1.59 -37.29 -20.82
C SER A 168 2.97 -37.74 -21.29
N PRO A 169 3.29 -37.71 -22.60
CA PRO A 169 4.63 -38.03 -23.08
C PRO A 169 5.79 -37.37 -22.31
N LEU A 170 5.70 -36.05 -22.06
CA LEU A 170 6.70 -35.32 -21.25
C LEU A 170 6.82 -35.94 -19.86
N GLY A 171 5.68 -36.30 -19.27
CA GLY A 171 5.62 -36.90 -17.94
C GLY A 171 6.33 -38.24 -17.94
N ILE A 172 6.02 -39.05 -18.95
CA ILE A 172 6.61 -40.39 -19.09
C ILE A 172 8.13 -40.27 -19.16
N LEU A 173 8.62 -39.32 -19.97
CA LEU A 173 10.06 -39.12 -20.19
C LEU A 173 10.77 -38.73 -18.88
N SER A 174 10.14 -37.83 -18.13
CA SER A 174 10.62 -37.41 -16.80
C SER A 174 10.73 -38.60 -15.85
N SER A 175 9.65 -39.38 -15.73
CA SER A 175 9.65 -40.57 -14.88
C SER A 175 10.76 -41.53 -15.35
N ALA A 176 10.80 -41.78 -16.66
CA ALA A 176 11.78 -42.74 -17.22
C ALA A 176 13.20 -42.26 -16.90
N SER A 177 13.48 -40.97 -17.12
CA SER A 177 14.83 -40.46 -16.97
C SER A 177 15.17 -40.08 -15.52
N GLY A 178 14.22 -40.20 -14.60
CA GLY A 178 14.47 -40.04 -13.16
C GLY A 178 14.54 -38.58 -12.69
N ASN A 179 13.91 -37.64 -13.42
CA ASN A 179 13.82 -36.25 -12.96
C ASN A 179 12.37 -35.75 -13.09
N THR A 180 11.72 -35.60 -11.93
CA THR A 180 10.32 -35.20 -11.85
C THR A 180 10.10 -33.70 -12.05
N SER A 181 11.16 -32.90 -12.18
CA SER A 181 10.99 -31.50 -12.48
C SER A 181 10.70 -31.35 -13.98
N VAL A 182 9.49 -31.76 -14.38
CA VAL A 182 9.11 -31.92 -15.78
C VAL A 182 9.37 -30.61 -16.53
N LEU A 183 8.72 -29.53 -16.09
CA LEU A 183 8.76 -28.29 -16.86
C LEU A 183 10.16 -27.67 -16.78
N GLU A 184 10.79 -27.75 -15.60
CA GLU A 184 12.00 -26.97 -15.33
C GLU A 184 13.12 -27.53 -16.22
N VAL A 185 13.15 -28.86 -16.38
CA VAL A 185 14.16 -29.43 -17.25
C VAL A 185 13.89 -29.00 -18.70
N HIS A 186 12.61 -28.94 -19.10
CA HIS A 186 12.20 -28.46 -20.42
C HIS A 186 12.65 -27.01 -20.63
N HIS A 187 12.37 -26.14 -19.67
CA HIS A 187 12.80 -24.75 -19.78
C HIS A 187 14.31 -24.72 -20.06
N CYS A 188 15.08 -25.51 -19.31
CA CYS A 188 16.54 -25.49 -19.39
C CYS A 188 17.00 -25.90 -20.79
N ASN A 189 16.33 -26.93 -21.35
CA ASN A 189 16.57 -27.45 -22.69
C ASN A 189 16.47 -26.32 -23.72
N LEU A 190 15.44 -25.48 -23.59
CA LEU A 190 15.18 -24.45 -24.59
C LEU A 190 16.12 -23.25 -24.41
N ALA A 191 16.54 -23.01 -23.15
CA ALA A 191 17.51 -21.98 -22.88
C ALA A 191 18.85 -22.35 -23.53
N VAL A 192 19.25 -23.62 -23.39
CA VAL A 192 20.51 -24.10 -23.98
C VAL A 192 20.43 -23.95 -25.51
N GLU A 193 19.28 -24.32 -26.11
CA GLU A 193 19.08 -24.08 -27.57
C GLU A 193 19.30 -22.61 -27.93
N ILE A 194 18.63 -21.68 -27.24
CA ILE A 194 18.71 -20.28 -27.64
C ILE A 194 20.17 -19.84 -27.58
N LEU A 195 20.87 -20.24 -26.52
CA LEU A 195 22.22 -19.78 -26.24
C LEU A 195 23.25 -20.49 -27.14
N SER A 196 22.85 -21.52 -27.87
CA SER A 196 23.77 -22.27 -28.73
C SER A 196 24.09 -21.50 -30.03
N ASP A 197 23.26 -20.50 -30.36
CA ASP A 197 23.52 -19.60 -31.47
C ASP A 197 24.25 -18.35 -30.97
N PRO A 198 25.49 -18.07 -31.43
CA PRO A 198 26.22 -16.84 -31.06
C PRO A 198 25.45 -15.51 -31.18
N GLU A 199 24.53 -15.42 -32.15
CA GLU A 199 23.72 -14.24 -32.40
C GLU A 199 22.76 -13.94 -31.23
N SER A 200 22.42 -14.96 -30.43
CA SER A 200 21.54 -14.81 -29.29
C SER A 200 22.20 -15.35 -28.01
N ASP A 201 23.51 -15.58 -28.02
CA ASP A 201 24.23 -16.08 -26.85
C ASP A 201 24.78 -14.90 -26.05
N VAL A 202 24.04 -14.47 -25.02
CA VAL A 202 24.48 -13.39 -24.13
C VAL A 202 25.72 -13.78 -23.32
N PHE A 203 26.14 -15.04 -23.36
CA PHE A 203 27.33 -15.52 -22.63
C PHE A 203 28.50 -15.79 -23.60
N ASP A 204 28.33 -15.42 -24.86
CA ASP A 204 29.40 -15.61 -25.88
C ASP A 204 30.71 -14.91 -25.49
N GLY A 205 30.64 -13.79 -24.80
CA GLY A 205 31.84 -13.05 -24.36
C GLY A 205 32.62 -13.73 -23.25
N LEU A 206 32.11 -14.85 -22.76
CA LEU A 206 32.72 -15.60 -21.67
C LEU A 206 33.44 -16.81 -22.25
N GLU A 207 34.44 -17.32 -21.52
CA GLU A 207 35.04 -18.61 -21.83
C GLU A 207 35.50 -19.28 -20.55
N GLY A 208 35.94 -20.53 -20.69
CA GLY A 208 36.51 -21.28 -19.59
C GLY A 208 35.53 -21.31 -18.44
N ALA A 209 36.03 -21.11 -17.22
CA ALA A 209 35.30 -21.33 -16.00
C ALA A 209 34.14 -20.32 -15.85
N GLU A 210 34.28 -19.14 -16.44
CA GLU A 210 33.23 -18.13 -16.36
C GLU A 210 32.03 -18.61 -17.18
N ARG A 211 32.28 -19.08 -18.40
CA ARG A 211 31.20 -19.57 -19.27
C ARG A 211 30.52 -20.78 -18.61
N THR A 212 31.33 -21.63 -17.98
CA THR A 212 30.76 -22.82 -17.30
C THR A 212 29.87 -22.37 -16.14
N LEU A 213 30.37 -21.47 -15.29
CA LEU A 213 29.59 -20.96 -14.15
C LEU A 213 28.29 -20.34 -14.65
N ALA A 214 28.33 -19.59 -15.74
CA ALA A 214 27.13 -18.95 -16.26
C ALA A 214 26.06 -19.99 -16.59
N PHE A 215 26.44 -21.04 -17.31
CA PHE A 215 25.47 -22.06 -17.76
C PHE A 215 25.00 -22.88 -16.55
N ARG A 216 25.93 -23.34 -15.73
CA ARG A 216 25.56 -24.19 -14.58
C ARG A 216 24.65 -23.41 -13.62
N SER A 217 24.96 -22.14 -13.37
CA SER A 217 24.22 -21.38 -12.38
C SER A 217 22.84 -21.05 -12.93
N MET A 218 22.78 -20.68 -14.22
CA MET A 218 21.51 -20.51 -14.88
C MET A 218 20.64 -21.76 -14.71
N ILE A 219 21.19 -22.93 -15.06
CA ILE A 219 20.46 -24.18 -15.01
C ILE A 219 20.04 -24.53 -13.56
N ASP A 220 20.98 -24.43 -12.61
CA ASP A 220 20.69 -24.71 -11.20
C ASP A 220 19.53 -23.81 -10.72
N CYS A 221 19.57 -22.53 -11.09
CA CYS A 221 18.53 -21.59 -10.71
C CYS A 221 17.17 -22.03 -11.29
N VAL A 222 17.11 -22.31 -12.59
CA VAL A 222 15.84 -22.73 -13.18
C VAL A 222 15.32 -24.01 -12.49
N LEU A 223 16.19 -24.99 -12.25
CA LEU A 223 15.81 -26.26 -11.60
C LEU A 223 15.25 -25.98 -10.21
N ALA A 224 15.72 -24.90 -9.57
CA ALA A 224 15.35 -24.61 -8.19
C ALA A 224 13.97 -23.94 -8.11
N THR A 225 13.40 -23.53 -9.25
CA THR A 225 12.05 -22.92 -9.30
C THR A 225 10.93 -23.98 -9.14
N ASP A 226 11.25 -25.28 -9.20
CA ASP A 226 10.28 -26.33 -8.92
C ASP A 226 9.86 -26.22 -7.46
N MET A 227 8.61 -25.83 -7.23
CA MET A 227 8.10 -25.59 -5.88
C MET A 227 8.07 -26.87 -5.04
N ALA A 228 8.25 -28.05 -5.66
CA ALA A 228 8.43 -29.32 -4.89
C ALA A 228 9.72 -29.25 -4.06
N LYS A 229 10.67 -28.40 -4.47
CA LYS A 229 11.98 -28.32 -3.81
C LYS A 229 12.05 -27.08 -2.91
N HIS A 230 10.90 -26.39 -2.72
CA HIS A 230 10.87 -25.11 -2.07
C HIS A 230 11.49 -25.21 -0.66
N GLY A 231 11.00 -26.17 0.15
CA GLY A 231 11.39 -26.29 1.52
C GLY A 231 12.88 -26.57 1.65
N SER A 232 13.40 -27.46 0.80
CA SER A 232 14.79 -27.88 0.91
C SER A 232 15.75 -26.80 0.38
N ALA A 233 15.32 -26.05 -0.63
CA ALA A 233 16.12 -24.95 -1.14
C ALA A 233 16.24 -23.85 -0.08
N LEU A 234 15.12 -23.54 0.55
CA LEU A 234 15.05 -22.52 1.56
C LEU A 234 15.91 -22.92 2.77
N GLU A 235 15.74 -24.16 3.25
CA GLU A 235 16.49 -24.74 4.36
C GLU A 235 18.01 -24.65 4.08
N ALA A 236 18.42 -25.06 2.88
CA ALA A 236 19.83 -25.07 2.48
C ALA A 236 20.41 -23.66 2.50
N PHE A 237 19.69 -22.71 1.92
CA PHE A 237 20.13 -21.32 1.90
C PHE A 237 20.28 -20.79 3.33
N LEU A 238 19.27 -21.01 4.16
CA LEU A 238 19.27 -20.51 5.54
C LEU A 238 20.46 -21.09 6.32
N ALA A 239 20.72 -22.39 6.16
CA ALA A 239 21.83 -23.04 6.81
C ALA A 239 23.16 -22.48 6.30
N SER A 240 23.30 -22.28 4.99
CA SER A 240 24.52 -21.71 4.42
C SER A 240 24.75 -20.30 4.98
N ALA A 241 23.67 -19.51 5.09
CA ALA A 241 23.76 -18.10 5.48
C ALA A 241 24.10 -17.96 6.97
N ALA A 242 23.68 -18.93 7.78
CA ALA A 242 23.94 -18.94 9.22
C ALA A 242 25.39 -19.36 9.51
N ASP A 243 26.03 -20.02 8.56
CA ASP A 243 27.37 -20.64 8.70
C ASP A 243 28.44 -19.72 8.10
N GLN A 244 29.15 -19.06 9.02
CA GLN A 244 30.29 -18.20 8.78
C GLN A 244 31.34 -18.93 7.91
N SER A 245 31.37 -20.26 7.95
CA SER A 245 32.35 -21.10 7.19
C SER A 245 31.70 -21.87 6.04
N SER A 246 30.56 -21.42 5.53
CA SER A 246 29.97 -22.01 4.34
C SER A 246 30.95 -21.88 3.17
N ASP A 247 30.91 -22.86 2.29
CA ASP A 247 31.69 -22.74 1.04
C ASP A 247 31.14 -21.51 0.31
N GLU A 248 32.02 -20.62 -0.13
CA GLU A 248 31.66 -19.35 -0.79
C GLU A 248 30.90 -19.61 -2.10
N ALA A 249 31.44 -20.46 -2.95
CA ALA A 249 30.80 -20.81 -4.24
C ALA A 249 29.39 -21.34 -3.97
N ALA A 250 29.24 -22.21 -3.00
CA ALA A 250 27.95 -22.77 -2.65
C ALA A 250 26.98 -21.67 -2.16
N PHE A 251 27.47 -20.76 -1.33
CA PHE A 251 26.62 -19.68 -0.80
C PHE A 251 26.17 -18.79 -1.96
N HIS A 252 27.09 -18.49 -2.87
CA HIS A 252 26.75 -17.65 -4.04
C HIS A 252 25.67 -18.37 -4.85
N ARG A 253 25.87 -19.65 -5.09
CA ARG A 253 24.89 -20.41 -5.91
C ARG A 253 23.52 -20.44 -5.23
N MET A 254 23.49 -20.66 -3.92
CA MET A 254 22.22 -20.77 -3.23
C MET A 254 21.53 -19.41 -3.15
N THR A 255 22.31 -18.34 -3.00
CA THR A 255 21.80 -16.99 -3.04
C THR A 255 21.13 -16.71 -4.39
N MET A 256 21.78 -17.12 -5.47
CA MET A 256 21.19 -16.98 -6.81
C MET A 256 19.85 -17.74 -6.89
N GLU A 257 19.84 -18.96 -6.38
CA GLU A 257 18.65 -19.83 -6.48
C GLU A 257 17.48 -19.17 -5.73
N ILE A 258 17.79 -18.64 -4.55
CA ILE A 258 16.81 -18.08 -3.65
C ILE A 258 16.24 -16.79 -4.27
N ILE A 259 17.09 -16.04 -4.97
CA ILE A 259 16.65 -14.78 -5.59
C ILE A 259 15.74 -15.08 -6.80
N LEU A 260 16.07 -16.05 -7.65
CA LEU A 260 15.12 -16.43 -8.75
C LEU A 260 13.81 -16.93 -8.14
N LYS A 261 13.90 -17.79 -7.11
CA LYS A 261 12.72 -18.25 -6.42
C LYS A 261 11.92 -17.07 -5.87
N ALA A 262 12.62 -16.13 -5.21
CA ALA A 262 11.99 -14.97 -4.64
C ALA A 262 11.23 -14.18 -5.70
N GLY A 263 11.87 -13.96 -6.86
CA GLY A 263 11.23 -13.25 -7.94
C GLY A 263 10.01 -14.00 -8.46
N ASP A 264 10.13 -15.32 -8.48
CA ASP A 264 9.10 -16.18 -8.98
C ASP A 264 7.83 -16.14 -8.09
N ILE A 265 7.97 -15.89 -6.79
CA ILE A 265 6.79 -15.77 -5.90
C ILE A 265 6.65 -14.35 -5.35
N SER A 266 7.02 -13.34 -6.15
CA SER A 266 7.11 -11.96 -5.69
C SER A 266 5.80 -11.20 -5.89
N ASN A 267 4.78 -11.84 -6.46
CA ASN A 267 3.53 -11.15 -6.84
C ASN A 267 2.92 -10.45 -5.59
N VAL A 268 2.95 -11.12 -4.44
CA VAL A 268 2.36 -10.63 -3.18
C VAL A 268 3.25 -9.54 -2.53
N THR A 269 4.42 -9.25 -3.10
CA THR A 269 5.29 -8.20 -2.56
C THR A 269 5.03 -6.90 -3.32
N LYS A 270 4.08 -6.92 -4.25
CA LYS A 270 3.85 -5.76 -5.10
C LYS A 270 2.73 -4.93 -4.47
N PRO A 271 2.60 -3.66 -4.90
CA PRO A 271 1.43 -2.86 -4.53
C PRO A 271 0.17 -3.65 -4.88
N PHE A 272 -0.86 -3.49 -4.05
CA PHE A 272 -1.99 -4.38 -3.96
C PHE A 272 -2.68 -4.57 -5.31
N ASP A 273 -2.87 -3.50 -6.09
CA ASP A 273 -3.62 -3.70 -7.36
C ASP A 273 -2.78 -4.47 -8.38
N ILE A 274 -1.45 -4.36 -8.30
CA ILE A 274 -0.57 -5.20 -9.16
C ILE A 274 -0.68 -6.64 -8.67
N SER A 275 -0.50 -6.81 -7.37
CA SER A 275 -0.61 -8.12 -6.70
C SER A 275 -1.92 -8.83 -7.09
N ARG A 276 -3.04 -8.12 -7.03
CA ARG A 276 -4.37 -8.67 -7.35
C ARG A 276 -4.43 -9.11 -8.82
N GLN A 277 -3.96 -8.28 -9.74
CA GLN A 277 -4.03 -8.68 -11.16
C GLN A 277 -3.26 -9.98 -11.39
N TRP A 278 -2.12 -10.15 -10.72
CA TRP A 278 -1.34 -11.37 -10.86
C TRP A 278 -2.15 -12.55 -10.33
N ALA A 279 -2.82 -12.35 -9.18
CA ALA A 279 -3.56 -13.44 -8.58
C ALA A 279 -4.73 -13.84 -9.50
N MET A 280 -5.30 -12.87 -10.21
CA MET A 280 -6.43 -13.17 -11.10
C MET A 280 -5.92 -14.06 -12.24
N ALA A 281 -4.78 -13.68 -12.82
CA ALA A 281 -4.21 -14.40 -13.95
C ALA A 281 -3.81 -15.83 -13.55
N VAL A 282 -3.14 -16.01 -12.41
CA VAL A 282 -2.69 -17.33 -12.00
C VAL A 282 -3.91 -18.21 -11.68
N THR A 283 -4.95 -17.62 -11.09
CA THR A 283 -6.18 -18.32 -10.74
C THR A 283 -6.86 -18.82 -12.03
N GLU A 284 -6.85 -18.00 -13.08
CA GLU A 284 -7.49 -18.39 -14.32
C GLU A 284 -6.69 -19.53 -14.95
N GLU A 285 -5.36 -19.45 -14.88
CA GLU A 285 -4.51 -20.50 -15.42
C GLU A 285 -4.79 -21.81 -14.67
N PHE A 286 -4.83 -21.76 -13.33
CA PHE A 286 -5.14 -22.93 -12.54
C PHE A 286 -6.49 -23.53 -12.95
N TYR A 287 -7.52 -22.69 -13.07
CA TYR A 287 -8.87 -23.14 -13.40
C TYR A 287 -8.89 -23.86 -14.76
N ARG A 288 -8.17 -23.31 -15.75
CA ARG A 288 -8.09 -23.94 -17.07
C ARG A 288 -7.41 -25.32 -16.96
N GLN A 289 -6.38 -25.45 -16.12
CA GLN A 289 -5.77 -26.76 -15.92
C GLN A 289 -6.84 -27.70 -15.33
N GLY A 290 -7.59 -27.21 -14.35
CA GLY A 290 -8.65 -27.97 -13.68
C GLY A 290 -9.69 -28.47 -14.66
N ASP A 291 -10.08 -27.61 -15.60
CA ASP A 291 -11.02 -27.94 -16.67
C ASP A 291 -10.49 -29.13 -17.47
N MET A 292 -9.23 -29.06 -17.92
CA MET A 292 -8.59 -30.11 -18.71
C MET A 292 -8.43 -31.39 -17.89
N GLU A 293 -8.16 -31.27 -16.59
CA GLU A 293 -8.08 -32.45 -15.74
C GLU A 293 -9.45 -33.15 -15.67
N LYS A 294 -10.52 -32.36 -15.55
CA LYS A 294 -11.89 -32.87 -15.50
C LYS A 294 -12.16 -33.67 -16.77
N GLU A 295 -11.94 -33.03 -17.94
CA GLU A 295 -12.12 -33.69 -19.24
C GLU A 295 -11.33 -35.00 -19.30
N ARG A 296 -10.11 -35.03 -18.75
CA ARG A 296 -9.26 -36.21 -18.83
C ARG A 296 -9.56 -37.19 -17.69
N GLY A 297 -10.47 -36.82 -16.79
CA GLY A 297 -10.89 -37.69 -15.67
C GLY A 297 -9.78 -37.98 -14.67
N VAL A 298 -8.86 -37.04 -14.46
CA VAL A 298 -7.85 -37.21 -13.39
C VAL A 298 -8.22 -36.28 -12.22
N GLU A 299 -7.53 -36.47 -11.09
CA GLU A 299 -7.77 -35.75 -9.83
C GLU A 299 -7.62 -34.23 -10.04
N VAL A 300 -8.62 -33.47 -9.59
CA VAL A 300 -8.59 -32.00 -9.55
C VAL A 300 -8.46 -31.57 -8.09
N LEU A 301 -7.41 -30.81 -7.77
CA LEU A 301 -7.27 -30.26 -6.43
C LEU A 301 -8.24 -29.08 -6.31
N PRO A 302 -8.75 -28.78 -5.09
CA PRO A 302 -9.70 -27.68 -4.89
C PRO A 302 -9.29 -26.36 -5.56
N MET A 303 -8.01 -25.97 -5.42
CA MET A 303 -7.54 -24.68 -5.92
C MET A 303 -7.57 -24.64 -7.46
N PHE A 304 -7.75 -25.78 -8.14
CA PHE A 304 -7.79 -25.83 -9.62
C PHE A 304 -9.23 -25.92 -10.15
N ASP A 305 -10.19 -25.98 -9.22
CA ASP A 305 -11.57 -26.34 -9.53
C ASP A 305 -12.46 -25.09 -9.54
N ARG A 306 -12.93 -24.69 -10.73
CA ARG A 306 -13.85 -23.55 -10.89
C ARG A 306 -15.11 -23.70 -10.01
N SER A 307 -15.62 -24.92 -9.87
CA SER A 307 -16.92 -25.19 -9.21
C SER A 307 -16.84 -24.90 -7.70
N LYS A 308 -15.63 -25.00 -7.13
CA LYS A 308 -15.40 -24.73 -5.71
C LYS A 308 -15.47 -23.22 -5.43
N ASN A 309 -15.17 -22.40 -6.45
CA ASN A 309 -15.53 -20.96 -6.54
C ASN A 309 -14.85 -20.15 -5.43
N MET A 310 -13.59 -20.47 -5.12
CA MET A 310 -12.96 -20.04 -3.89
C MET A 310 -12.55 -18.57 -4.01
N GLU A 311 -12.70 -17.82 -2.92
CA GLU A 311 -12.53 -16.36 -2.93
C GLU A 311 -11.05 -16.04 -3.07
N LEU A 312 -10.75 -15.06 -3.92
CA LEU A 312 -9.40 -14.61 -4.15
C LEU A 312 -8.74 -14.22 -2.82
N ALA A 313 -9.47 -13.49 -1.95
CA ALA A 313 -8.90 -12.98 -0.68
C ALA A 313 -8.37 -14.12 0.19
N LYS A 314 -9.13 -15.21 0.31
CA LYS A 314 -8.71 -16.32 1.14
C LYS A 314 -7.54 -17.03 0.47
N GLY A 315 -7.61 -17.16 -0.86
CA GLY A 315 -6.49 -17.73 -1.65
C GLY A 315 -5.18 -17.01 -1.39
N GLN A 316 -5.20 -15.69 -1.52
CA GLN A 316 -4.01 -14.88 -1.32
C GLN A 316 -3.54 -14.94 0.13
N ILE A 317 -4.48 -14.86 1.08
CA ILE A 317 -4.06 -14.90 2.50
C ILE A 317 -3.36 -16.22 2.79
N GLY A 318 -3.91 -17.32 2.28
CA GLY A 318 -3.34 -18.64 2.48
C GLY A 318 -1.93 -18.74 1.90
N PHE A 319 -1.78 -18.22 0.68
CA PHE A 319 -0.48 -18.21 0.00
C PHE A 319 0.51 -17.37 0.83
N ILE A 320 0.05 -16.19 1.26
CA ILE A 320 0.86 -15.32 2.09
C ILE A 320 1.30 -16.08 3.35
N ASP A 321 0.35 -16.71 4.06
CA ASP A 321 0.64 -17.27 5.37
C ASP A 321 1.51 -18.53 5.26
N PHE A 322 1.26 -19.37 4.25
CA PHE A 322 1.84 -20.71 4.23
C PHE A 322 3.11 -20.73 3.36
N VAL A 323 3.24 -19.83 2.39
CA VAL A 323 4.40 -19.86 1.48
C VAL A 323 5.22 -18.57 1.57
N ALA A 324 4.62 -17.42 1.23
CA ALA A 324 5.37 -16.21 0.85
C ALA A 324 5.90 -15.45 2.09
N ALA A 325 5.10 -15.27 3.15
CA ALA A 325 5.54 -14.43 4.30
C ALA A 325 6.68 -15.15 5.04
N PRO A 326 6.57 -16.45 5.36
CA PRO A 326 7.70 -17.17 5.95
C PRO A 326 8.95 -17.07 5.07
N PHE A 327 8.77 -17.26 3.76
CA PHE A 327 9.91 -17.28 2.85
C PHE A 327 10.67 -15.96 2.93
N PHE A 328 9.97 -14.87 2.64
CA PHE A 328 10.60 -13.56 2.55
C PHE A 328 11.16 -13.13 3.91
N GLN A 329 10.43 -13.42 5.00
CA GLN A 329 10.83 -13.01 6.34
C GLN A 329 12.14 -13.72 6.69
N LYS A 330 12.21 -15.03 6.38
CA LYS A 330 13.35 -15.85 6.78
C LYS A 330 14.63 -15.45 6.03
N ILE A 331 14.49 -15.10 4.73
CA ILE A 331 15.69 -14.78 3.94
C ILE A 331 16.18 -13.38 4.31
N VAL A 332 15.24 -12.45 4.56
CA VAL A 332 15.57 -11.10 5.01
C VAL A 332 16.33 -11.19 6.35
N ASP A 333 15.77 -11.92 7.29
CA ASP A 333 16.30 -12.05 8.67
C ASP A 333 17.65 -12.75 8.62
N ALA A 334 17.79 -13.72 7.74
CA ALA A 334 19.03 -14.51 7.66
C ALA A 334 20.16 -13.72 7.00
N CYS A 335 19.84 -12.82 6.07
CA CYS A 335 20.93 -12.34 5.22
C CYS A 335 20.54 -11.17 4.32
N LEU A 336 19.32 -11.12 3.82
CA LEU A 336 18.96 -10.06 2.85
C LEU A 336 18.16 -8.94 3.52
N GLN A 337 18.78 -8.29 4.49
CA GLN A 337 18.13 -7.22 5.29
C GLN A 337 17.61 -6.08 4.39
N GLY A 338 18.28 -5.85 3.27
CA GLY A 338 17.92 -4.81 2.34
C GLY A 338 16.56 -5.05 1.68
N MET A 339 16.06 -6.29 1.69
CA MET A 339 14.78 -6.64 1.06
C MET A 339 13.62 -6.60 2.08
N GLN A 340 13.80 -5.87 3.18
CA GLN A 340 12.80 -5.70 4.24
C GLN A 340 11.45 -5.28 3.65
N TRP A 341 11.44 -4.40 2.66
CA TRP A 341 10.21 -3.85 2.08
C TRP A 341 9.29 -4.97 1.55
N THR A 342 9.85 -6.12 1.15
CA THR A 342 9.02 -7.21 0.65
C THR A 342 8.17 -7.74 1.81
N VAL A 343 8.77 -7.88 2.98
CA VAL A 343 8.04 -8.35 4.15
C VAL A 343 6.93 -7.36 4.48
N ASP A 344 7.25 -6.07 4.39
CA ASP A 344 6.32 -5.00 4.74
C ASP A 344 5.12 -5.01 3.78
N ARG A 345 5.36 -5.14 2.48
CA ARG A 345 4.30 -5.10 1.50
C ARG A 345 3.44 -6.37 1.63
N ILE A 346 4.03 -7.52 1.97
CA ILE A 346 3.24 -8.72 2.12
C ILE A 346 2.24 -8.49 3.26
N LYS A 347 2.75 -7.84 4.32
CA LYS A 347 2.01 -7.62 5.54
C LYS A 347 0.81 -6.70 5.26
N SER A 348 1.04 -5.62 4.52
CA SER A 348 0.00 -4.67 4.17
C SER A 348 -0.95 -5.29 3.12
N ASN A 349 -0.45 -6.18 2.27
CA ASN A 349 -1.30 -6.85 1.29
C ASN A 349 -2.25 -7.80 2.04
N ARG A 350 -1.72 -8.48 3.06
CA ARG A 350 -2.51 -9.40 3.83
C ARG A 350 -3.62 -8.63 4.57
N ALA A 351 -3.29 -7.45 5.09
CA ALA A 351 -4.22 -6.63 5.83
C ALA A 351 -5.31 -6.10 4.90
N GLN A 352 -4.95 -5.78 3.66
CA GLN A 352 -5.90 -5.32 2.69
C GLN A 352 -6.87 -6.46 2.29
N TRP A 353 -6.35 -7.69 2.14
CA TRP A 353 -7.22 -8.81 1.82
C TRP A 353 -8.17 -9.09 2.99
N GLU A 354 -7.65 -8.96 4.22
CA GLU A 354 -8.44 -9.16 5.44
C GLU A 354 -9.55 -8.09 5.51
N ARG A 355 -9.30 -6.89 4.97
CA ARG A 355 -10.31 -5.83 4.95
C ARG A 355 -11.36 -6.14 3.88
N VAL A 356 -10.96 -6.84 2.81
CA VAL A 356 -11.91 -7.33 1.82
C VAL A 356 -12.86 -8.33 2.50
N LEU A 357 -12.32 -9.22 3.35
CA LEU A 357 -13.14 -10.18 4.07
C LEU A 357 -14.05 -9.46 5.05
N GLU A 358 -13.50 -8.50 5.80
CA GLU A 358 -14.18 -7.82 6.90
C GLU A 358 -15.42 -7.10 6.38
N THR A 359 -15.38 -6.57 5.15
CA THR A 359 -16.41 -5.73 4.60
C THR A 359 -17.30 -6.48 3.60
N ARG A 360 -17.05 -7.77 3.38
CA ARG A 360 -17.90 -8.54 2.47
C ARG A 360 -19.25 -8.84 3.13
N VAL B 28 -13.74 -2.74 26.76
CA VAL B 28 -12.36 -2.42 26.29
C VAL B 28 -11.35 -2.81 27.39
N THR B 29 -10.19 -3.33 26.99
CA THR B 29 -9.11 -3.71 27.92
C THR B 29 -8.49 -2.45 28.52
N ALA B 30 -8.24 -2.47 29.83
CA ALA B 30 -7.83 -1.27 30.54
C ALA B 30 -6.39 -0.92 30.15
N ILE B 31 -6.08 0.37 30.20
CA ILE B 31 -4.75 0.86 29.87
C ILE B 31 -3.80 0.56 31.04
N THR B 32 -2.64 -0.05 30.74
CA THR B 32 -1.64 -0.42 31.73
C THR B 32 -0.75 0.78 32.05
N LYS B 33 -0.04 0.68 33.18
CA LYS B 33 0.88 1.71 33.65
C LYS B 33 2.06 1.85 32.68
N VAL B 34 2.48 0.74 32.08
CA VAL B 34 3.63 0.75 31.13
C VAL B 34 3.23 1.52 29.86
N GLU B 35 1.97 1.36 29.43
CA GLU B 35 1.44 2.06 28.26
C GLU B 35 1.47 3.58 28.52
N ARG B 36 1.02 4.01 29.70
CA ARG B 36 1.03 5.42 30.10
C ARG B 36 2.47 5.98 30.14
N GLU B 37 3.40 5.23 30.76
CA GLU B 37 4.81 5.66 30.93
C GLU B 37 5.46 5.95 29.57
N ALA B 38 5.24 5.05 28.61
CA ALA B 38 5.77 5.17 27.25
C ALA B 38 5.38 6.52 26.62
N VAL B 39 4.21 7.06 26.99
CA VAL B 39 3.77 8.38 26.51
C VAL B 39 4.41 9.48 27.35
N LEU B 40 4.38 9.30 28.69
CA LEU B 40 4.86 10.33 29.65
C LEU B 40 6.35 10.58 29.43
N VAL B 41 7.07 9.56 28.95
CA VAL B 41 8.48 9.63 28.57
C VAL B 41 8.73 10.75 27.54
N CYS B 42 7.88 10.85 26.51
CA CYS B 42 8.13 11.73 25.35
C CYS B 42 8.08 13.21 25.77
N GLU B 43 9.12 13.97 25.43
CA GLU B 43 9.30 15.34 25.95
C GLU B 43 9.09 16.40 24.86
N LEU B 44 9.10 16.00 23.58
CA LEU B 44 8.76 16.90 22.46
C LEU B 44 9.69 18.11 22.47
N PRO B 45 11.03 17.89 22.53
CA PRO B 45 11.96 18.95 22.92
C PRO B 45 11.79 20.28 22.17
N SER B 46 11.85 20.24 20.83
CA SER B 46 11.96 21.45 20.01
C SER B 46 10.59 22.01 19.59
N PHE B 47 9.49 21.36 20.01
CA PHE B 47 8.19 21.52 19.38
C PHE B 47 7.29 22.46 20.19
N ASP B 48 6.55 23.32 19.48
CA ASP B 48 5.47 24.11 20.09
C ASP B 48 4.12 23.62 19.54
N VAL B 49 3.45 22.77 20.33
CA VAL B 49 2.22 22.14 19.92
C VAL B 49 1.11 23.18 19.75
N THR B 50 1.27 24.43 20.23
CA THR B 50 0.20 25.42 20.11
C THR B 50 0.34 26.25 18.84
N ASP B 51 1.44 26.06 18.10
CA ASP B 51 1.79 26.92 16.98
C ASP B 51 1.06 26.48 15.70
N VAL B 52 0.63 27.43 14.85
CA VAL B 52 -0.04 27.09 13.57
C VAL B 52 0.95 26.45 12.57
N GLU B 53 2.25 26.48 12.86
CA GLU B 53 3.27 25.93 11.97
C GLU B 53 3.87 24.67 12.57
N PHE B 54 3.34 24.21 13.70
CA PHE B 54 3.73 22.95 14.27
C PHE B 54 3.64 21.87 13.17
N ASP B 55 4.63 20.97 13.16
CA ASP B 55 4.81 20.01 12.08
C ASP B 55 4.81 18.59 12.67
N LEU B 56 3.65 17.92 12.54
CA LEU B 56 3.40 16.59 13.12
C LEU B 56 4.24 15.53 12.37
N PHE B 57 4.51 15.74 11.09
CA PHE B 57 5.35 14.85 10.32
C PHE B 57 6.76 14.88 10.89
N ARG B 58 7.27 16.10 11.14
CA ARG B 58 8.58 16.24 11.78
C ARG B 58 8.54 15.55 13.16
N ALA B 59 7.48 15.77 13.94
CA ALA B 59 7.30 15.12 15.27
C ALA B 59 7.34 13.59 15.16
N ARG B 60 6.70 13.04 14.12
CA ARG B 60 6.65 11.59 13.90
C ARG B 60 8.05 11.05 13.55
N GLU B 61 8.79 11.79 12.71
CA GLU B 61 10.13 11.43 12.24
C GLU B 61 11.11 11.53 13.42
N SER B 62 10.80 12.40 14.40
CA SER B 62 11.70 12.80 15.48
C SER B 62 12.14 11.61 16.33
N THR B 63 11.44 10.47 16.20
CA THR B 63 11.49 9.42 17.19
C THR B 63 11.26 8.07 16.50
N ASP B 64 11.54 6.97 17.19
CA ASP B 64 11.32 5.62 16.68
C ASP B 64 9.94 5.11 17.15
N LYS B 65 9.28 5.86 18.04
CA LYS B 65 7.95 5.53 18.58
C LYS B 65 6.97 6.65 18.25
N PRO B 66 6.62 6.88 16.96
CA PRO B 66 5.74 7.99 16.60
C PRO B 66 4.35 7.93 17.29
N LEU B 67 3.84 6.72 17.53
CA LEU B 67 2.51 6.59 18.16
C LEU B 67 2.53 7.17 19.58
N ASP B 68 3.68 7.04 20.29
CA ASP B 68 3.81 7.56 21.64
C ASP B 68 3.93 9.09 21.60
N VAL B 69 4.72 9.62 20.66
CA VAL B 69 4.90 11.08 20.50
C VAL B 69 3.57 11.73 20.15
N ALA B 70 2.79 11.11 19.25
CA ALA B 70 1.48 11.60 18.85
C ALA B 70 0.56 11.71 20.09
N ALA B 71 0.54 10.62 20.88
CA ALA B 71 -0.24 10.55 22.11
C ALA B 71 0.18 11.70 23.03
N ALA B 72 1.50 11.92 23.13
CA ALA B 72 2.05 12.92 24.01
C ALA B 72 1.63 14.31 23.52
N ILE B 73 1.58 14.51 22.21
CA ILE B 73 1.13 15.79 21.66
C ILE B 73 -0.33 16.06 22.09
N ALA B 74 -1.20 15.05 21.91
CA ALA B 74 -2.60 15.16 22.32
C ALA B 74 -2.70 15.50 23.81
N TYR B 75 -1.89 14.79 24.60
CA TYR B 75 -1.90 14.94 26.04
C TYR B 75 -1.52 16.37 26.43
N ARG B 76 -0.43 16.86 25.85
CA ARG B 76 0.08 18.19 26.18
C ARG B 76 -0.92 19.28 25.73
N LEU B 77 -1.55 19.09 24.55
CA LEU B 77 -2.55 20.05 24.09
C LEU B 77 -3.65 20.16 25.14
N LEU B 78 -4.14 19.02 25.63
CA LEU B 78 -5.32 18.99 26.50
C LEU B 78 -4.96 19.59 27.86
N LEU B 79 -3.83 19.15 28.45
CA LEU B 79 -3.39 19.64 29.78
C LEU B 79 -3.06 21.14 29.73
N GLY B 80 -2.37 21.56 28.66
CA GLY B 80 -1.97 22.93 28.48
C GLY B 80 -3.14 23.87 28.28
N SER B 81 -4.26 23.36 27.75
CA SER B 81 -5.51 24.13 27.61
C SER B 81 -6.06 24.53 28.99
N GLY B 82 -5.76 23.72 30.01
CA GLY B 82 -6.26 23.90 31.37
C GLY B 82 -7.69 23.41 31.55
N LEU B 83 -8.28 22.84 30.51
CA LEU B 83 -9.71 22.50 30.47
C LEU B 83 -10.03 21.19 31.21
N PRO B 84 -9.28 20.09 31.04
CA PRO B 84 -9.63 18.85 31.73
C PRO B 84 -9.66 19.03 33.26
N GLN B 85 -8.64 19.70 33.80
CA GLN B 85 -8.52 20.00 35.23
C GLN B 85 -9.81 20.69 35.72
N LYS B 86 -10.31 21.68 34.97
CA LYS B 86 -11.52 22.44 35.36
C LYS B 86 -12.78 21.57 35.33
N PHE B 87 -12.77 20.42 34.65
CA PHE B 87 -13.99 19.63 34.54
C PHE B 87 -13.82 18.27 35.20
N GLY B 88 -12.88 18.20 36.16
CA GLY B 88 -12.74 17.06 37.04
C GLY B 88 -12.22 15.83 36.32
N CYS B 89 -11.47 16.06 35.24
CA CYS B 89 -10.84 14.99 34.50
C CYS B 89 -9.38 14.91 34.91
N SER B 90 -8.99 13.79 35.56
CA SER B 90 -7.64 13.62 36.06
C SER B 90 -6.69 13.46 34.89
N ASP B 91 -5.40 13.73 35.13
CA ASP B 91 -4.34 13.57 34.15
C ASP B 91 -4.32 12.12 33.64
N GLU B 92 -4.61 11.17 34.54
CA GLU B 92 -4.50 9.76 34.25
C GLU B 92 -5.69 9.27 33.41
N VAL B 93 -6.89 9.74 33.73
CA VAL B 93 -8.07 9.39 32.97
C VAL B 93 -7.95 9.98 31.56
N LEU B 94 -7.36 11.17 31.45
CA LEU B 94 -7.13 11.83 30.18
C LEU B 94 -6.19 10.99 29.32
N LEU B 95 -5.06 10.58 29.87
CA LEU B 95 -4.09 9.77 29.14
C LEU B 95 -4.73 8.42 28.77
N ASN B 96 -5.54 7.84 29.66
CA ASN B 96 -6.20 6.56 29.38
C ASN B 96 -7.10 6.72 28.14
N PHE B 97 -7.91 7.78 28.15
CA PHE B 97 -8.83 8.07 27.07
C PHE B 97 -8.06 8.15 25.76
N ILE B 98 -6.97 8.94 25.76
CA ILE B 98 -6.16 9.14 24.56
C ILE B 98 -5.67 7.80 24.02
N LEU B 99 -5.22 6.91 24.92
CA LEU B 99 -4.60 5.63 24.54
C LEU B 99 -5.69 4.64 24.09
N GLN B 100 -6.90 4.75 24.64
CA GLN B 100 -8.02 3.92 24.17
C GLN B 100 -8.43 4.32 22.75
N CYS B 101 -8.47 5.64 22.50
CA CYS B 101 -8.71 6.16 21.15
C CYS B 101 -7.64 5.60 20.22
N ARG B 102 -6.37 5.71 20.62
CA ARG B 102 -5.25 5.28 19.77
C ARG B 102 -5.41 3.82 19.34
N LYS B 103 -5.75 2.94 20.29
CA LYS B 103 -5.88 1.49 20.04
C LYS B 103 -6.93 1.19 18.96
N LYS B 104 -7.87 2.11 18.73
CA LYS B 104 -8.98 1.85 17.78
C LYS B 104 -8.73 2.54 16.43
N TYR B 105 -7.54 3.12 16.21
CA TYR B 105 -7.19 3.59 14.87
C TYR B 105 -6.37 2.50 14.21
N ARG B 106 -6.53 2.38 12.90
CA ARG B 106 -5.92 1.36 12.13
C ARG B 106 -4.71 1.94 11.40
N ASN B 107 -3.89 1.04 10.88
CA ASN B 107 -2.75 1.40 10.09
C ASN B 107 -3.23 1.57 8.65
N VAL B 108 -3.99 2.64 8.40
CA VAL B 108 -4.32 3.10 7.04
C VAL B 108 -3.44 4.32 6.75
N PRO B 109 -3.32 4.76 5.49
CA PRO B 109 -2.44 5.89 5.15
C PRO B 109 -2.87 7.25 5.72
N TYR B 110 -4.16 7.54 5.81
CA TYR B 110 -4.63 8.90 6.17
C TYR B 110 -5.48 8.88 7.45
N HIS B 111 -6.59 8.15 7.43
CA HIS B 111 -7.57 8.16 8.53
C HIS B 111 -7.07 7.31 9.71
N ASN B 112 -5.93 7.69 10.27
CA ASN B 112 -5.24 6.97 11.35
C ASN B 112 -5.12 7.92 12.54
N PHE B 113 -4.33 7.56 13.54
CA PHE B 113 -4.24 8.30 14.79
C PHE B 113 -3.61 9.67 14.59
N TYR B 114 -2.72 9.79 13.61
CA TYR B 114 -2.02 11.01 13.33
C TYR B 114 -3.02 12.05 12.79
N HIS B 115 -4.00 11.62 12.00
CA HIS B 115 -5.00 12.53 11.47
C HIS B 115 -5.79 13.15 12.63
N VAL B 116 -6.22 12.33 13.58
CA VAL B 116 -7.10 12.86 14.62
C VAL B 116 -6.27 13.69 15.62
N VAL B 117 -5.00 13.38 15.79
CA VAL B 117 -4.15 14.23 16.63
C VAL B 117 -3.91 15.55 15.91
N ASP B 118 -3.77 15.49 14.59
CA ASP B 118 -3.59 16.69 13.80
C ASP B 118 -4.84 17.57 13.90
N VAL B 119 -6.02 16.95 13.83
CA VAL B 119 -7.28 17.70 13.92
C VAL B 119 -7.40 18.35 15.30
N CYS B 120 -7.02 17.61 16.36
CA CYS B 120 -7.00 18.11 17.73
C CYS B 120 -6.10 19.35 17.86
N GLN B 121 -4.86 19.22 17.38
CA GLN B 121 -3.88 20.30 17.37
C GLN B 121 -4.41 21.50 16.57
N THR B 122 -5.00 21.21 15.40
CA THR B 122 -5.46 22.25 14.53
C THR B 122 -6.60 23.03 15.21
N ILE B 123 -7.55 22.29 15.80
CA ILE B 123 -8.69 22.90 16.48
C ILE B 123 -8.18 23.82 17.59
N HIS B 124 -7.19 23.35 18.35
CA HIS B 124 -6.54 24.17 19.39
C HIS B 124 -6.10 25.51 18.78
N THR B 125 -5.42 25.46 17.63
CA THR B 125 -4.96 26.69 16.98
C THR B 125 -6.16 27.57 16.60
N PHE B 126 -7.25 26.99 16.06
CA PHE B 126 -8.40 27.76 15.69
C PHE B 126 -9.03 28.42 16.92
N LEU B 127 -9.11 27.68 18.03
CA LEU B 127 -9.71 28.17 19.24
C LEU B 127 -8.86 29.31 19.80
N TYR B 128 -7.56 29.05 19.93
CA TYR B 128 -6.71 29.92 20.78
C TYR B 128 -5.88 30.91 19.94
N ARG B 129 -5.32 30.51 18.80
CA ARG B 129 -4.69 31.48 17.89
C ARG B 129 -5.74 32.26 17.09
N GLY B 130 -6.83 31.61 16.66
CA GLY B 130 -7.91 32.29 15.88
C GLY B 130 -8.97 32.93 16.76
N ASN B 131 -8.87 32.75 18.08
CA ASN B 131 -9.75 33.34 19.09
C ASN B 131 -11.21 32.89 18.94
N VAL B 132 -11.41 31.68 18.39
CA VAL B 132 -12.73 31.16 18.31
C VAL B 132 -13.22 30.75 19.70
N TYR B 133 -12.30 30.53 20.65
CA TYR B 133 -12.67 30.24 22.05
C TYR B 133 -13.64 31.28 22.59
N GLU B 134 -13.57 32.51 22.05
CA GLU B 134 -14.37 33.62 22.55
C GLU B 134 -15.86 33.34 22.33
N LYS B 135 -16.17 32.53 21.32
CA LYS B 135 -17.54 32.28 20.89
C LYS B 135 -18.16 31.09 21.65
N LEU B 136 -17.39 30.40 22.49
CA LEU B 136 -17.79 29.12 23.08
C LEU B 136 -17.55 29.12 24.58
N THR B 137 -18.27 28.26 25.30
CA THR B 137 -17.96 28.02 26.68
C THR B 137 -16.67 27.20 26.77
N GLU B 138 -16.11 27.17 27.98
CA GLU B 138 -14.95 26.37 28.22
C GLU B 138 -15.31 24.90 28.03
N LEU B 139 -16.47 24.47 28.52
CA LEU B 139 -16.90 23.08 28.34
C LEU B 139 -16.92 22.72 26.85
N GLU B 140 -17.54 23.57 26.03
CA GLU B 140 -17.58 23.37 24.58
C GLU B 140 -16.16 23.25 24.00
N CYS B 141 -15.22 24.07 24.46
CA CYS B 141 -13.82 23.98 23.97
C CYS B 141 -13.22 22.61 24.33
N PHE B 142 -13.51 22.15 25.57
CA PHE B 142 -13.02 20.90 26.09
C PHE B 142 -13.61 19.77 25.23
N VAL B 143 -14.90 19.84 24.97
CA VAL B 143 -15.57 18.84 24.20
C VAL B 143 -14.95 18.78 22.80
N LEU B 144 -14.67 19.94 22.19
CA LEU B 144 -14.14 19.96 20.83
C LEU B 144 -12.81 19.21 20.76
N LEU B 145 -11.91 19.45 21.72
CA LEU B 145 -10.58 18.89 21.70
C LEU B 145 -10.67 17.36 21.93
N ILE B 146 -11.61 16.93 22.78
CA ILE B 146 -11.86 15.52 23.02
C ILE B 146 -12.46 14.88 21.76
N THR B 147 -13.46 15.54 21.16
CA THR B 147 -14.17 15.02 19.99
C THR B 147 -13.19 14.79 18.85
N ALA B 148 -12.19 15.66 18.71
CA ALA B 148 -11.21 15.52 17.63
C ALA B 148 -10.61 14.11 17.66
N LEU B 149 -10.39 13.57 18.86
CA LEU B 149 -9.64 12.31 19.02
C LEU B 149 -10.55 11.08 18.77
N VAL B 150 -11.87 11.25 18.83
CA VAL B 150 -12.80 10.15 18.60
C VAL B 150 -13.40 10.20 17.18
N HIS B 151 -13.17 11.29 16.42
CA HIS B 151 -14.14 11.61 15.33
C HIS B 151 -14.03 10.68 14.11
N ASP B 152 -12.99 9.83 14.06
CA ASP B 152 -12.77 8.86 12.99
C ASP B 152 -12.44 7.44 13.50
N LEU B 153 -12.86 7.09 14.73
CA LEU B 153 -12.44 5.81 15.36
C LEU B 153 -12.78 4.65 14.43
N ASP B 154 -11.77 3.80 14.18
CA ASP B 154 -11.91 2.53 13.51
C ASP B 154 -12.25 2.75 12.03
N HIS B 155 -11.84 3.89 11.46
CA HIS B 155 -11.82 4.11 10.03
C HIS B 155 -10.95 3.03 9.37
N MET B 156 -11.43 2.52 8.24
CA MET B 156 -10.84 1.39 7.53
C MET B 156 -10.21 1.86 6.21
N GLY B 157 -10.23 3.18 5.94
CA GLY B 157 -9.68 3.73 4.71
C GLY B 157 -10.69 3.77 3.57
N LEU B 158 -11.96 3.55 3.90
CA LEU B 158 -13.04 3.50 2.94
C LEU B 158 -14.12 4.48 3.36
N ASN B 159 -14.67 5.20 2.37
CA ASN B 159 -15.68 6.23 2.63
C ASN B 159 -17.07 5.58 2.69
N ASN B 160 -18.07 6.39 3.03
CA ASN B 160 -19.42 5.92 3.27
C ASN B 160 -19.96 5.25 2.00
N SER B 161 -19.64 5.86 0.86
CA SER B 161 -20.07 5.46 -0.43
C SER B 161 -19.66 4.02 -0.74
N PHE B 162 -18.46 3.61 -0.33
CA PHE B 162 -17.98 2.26 -0.54
C PHE B 162 -18.95 1.24 0.09
N TYR B 163 -19.34 1.51 1.34
CA TYR B 163 -20.17 0.58 2.10
C TYR B 163 -21.55 0.46 1.44
N LEU B 164 -22.07 1.57 0.93
CA LEU B 164 -23.39 1.58 0.32
C LEU B 164 -23.35 0.90 -1.05
N LYS B 165 -22.38 1.26 -1.91
CA LYS B 165 -22.37 0.72 -3.26
C LYS B 165 -22.02 -0.79 -3.26
N THR B 166 -21.19 -1.27 -2.30
CA THR B 166 -20.87 -2.69 -2.24
C THR B 166 -21.89 -3.49 -1.41
N GLU B 167 -22.93 -2.84 -0.86
CA GLU B 167 -23.88 -3.54 0.04
C GLU B 167 -23.09 -4.34 1.09
N SER B 168 -22.06 -3.69 1.65
CA SER B 168 -21.34 -4.17 2.79
C SER B 168 -22.29 -4.24 3.99
N PRO B 169 -22.10 -5.18 4.93
CA PRO B 169 -23.01 -5.30 6.08
C PRO B 169 -23.28 -3.99 6.83
N LEU B 170 -22.24 -3.20 7.14
CA LEU B 170 -22.42 -1.89 7.79
C LEU B 170 -23.30 -0.97 6.92
N GLY B 171 -23.10 -1.02 5.60
CA GLY B 171 -23.90 -0.27 4.64
C GLY B 171 -25.36 -0.67 4.71
N ILE B 172 -25.59 -1.98 4.71
CA ILE B 172 -26.97 -2.53 4.76
C ILE B 172 -27.67 -2.03 6.04
N LEU B 173 -26.96 -2.08 7.17
CA LEU B 173 -27.50 -1.64 8.47
C LEU B 173 -27.91 -0.16 8.44
N SER B 174 -27.05 0.68 7.85
CA SER B 174 -27.28 2.11 7.66
C SER B 174 -28.54 2.33 6.84
N SER B 175 -28.64 1.67 5.69
CA SER B 175 -29.82 1.77 4.83
C SER B 175 -31.05 1.33 5.62
N ALA B 176 -30.97 0.17 6.28
CA ALA B 176 -32.11 -0.37 7.02
C ALA B 176 -32.55 0.62 8.10
N SER B 177 -31.59 1.16 8.87
CA SER B 177 -31.92 1.98 10.05
C SER B 177 -32.15 3.45 9.66
N GLY B 178 -31.99 3.81 8.37
CA GLY B 178 -32.33 5.12 7.85
C GLY B 178 -31.27 6.20 8.12
N ASN B 179 -30.02 5.83 8.48
CA ASN B 179 -28.94 6.84 8.62
C ASN B 179 -27.74 6.47 7.73
N THR B 180 -27.60 7.27 6.68
CA THR B 180 -26.64 7.19 5.59
C THR B 180 -25.19 7.51 6.03
N SER B 181 -25.02 8.11 7.21
CA SER B 181 -23.70 8.46 7.68
C SER B 181 -23.05 7.22 8.29
N VAL B 182 -22.68 6.27 7.42
CA VAL B 182 -22.22 4.94 7.84
C VAL B 182 -21.07 5.05 8.86
N LEU B 183 -19.99 5.71 8.47
CA LEU B 183 -18.79 5.73 9.33
C LEU B 183 -19.05 6.57 10.58
N GLU B 184 -19.73 7.71 10.42
CA GLU B 184 -19.83 8.73 11.49
C GLU B 184 -20.65 8.14 12.64
N VAL B 185 -21.66 7.33 12.30
CA VAL B 185 -22.45 6.68 13.34
C VAL B 185 -21.55 5.67 14.05
N HIS B 186 -20.73 4.94 13.30
CA HIS B 186 -19.80 3.97 13.85
C HIS B 186 -18.79 4.65 14.79
N HIS B 187 -18.18 5.74 14.33
CA HIS B 187 -17.24 6.47 15.17
C HIS B 187 -17.93 6.82 16.51
N CYS B 188 -19.17 7.33 16.46
CA CYS B 188 -19.89 7.76 17.63
C CYS B 188 -20.12 6.60 18.60
N ASN B 189 -20.50 5.44 18.03
CA ASN B 189 -20.71 4.19 18.77
C ASN B 189 -19.46 3.85 19.57
N LEU B 190 -18.28 3.98 18.96
CA LEU B 190 -17.04 3.55 19.61
C LEU B 190 -16.60 4.59 20.64
N ALA B 191 -16.92 5.86 20.41
CA ALA B 191 -16.64 6.91 21.38
C ALA B 191 -17.44 6.64 22.65
N VAL B 192 -18.72 6.31 22.48
CA VAL B 192 -19.61 5.97 23.60
C VAL B 192 -19.02 4.77 24.36
N GLU B 193 -18.57 3.74 23.64
CA GLU B 193 -17.86 2.60 24.30
C GLU B 193 -16.67 3.08 25.15
N ILE B 194 -15.79 3.89 24.58
CA ILE B 194 -14.59 4.26 25.31
C ILE B 194 -14.99 4.98 26.59
N LEU B 195 -15.98 5.88 26.49
CA LEU B 195 -16.41 6.75 27.57
C LEU B 195 -17.24 5.99 28.62
N SER B 196 -17.65 4.75 28.31
CA SER B 196 -18.50 3.96 29.19
C SER B 196 -17.68 3.37 30.35
N ASP B 197 -16.35 3.33 30.19
CA ASP B 197 -15.42 2.91 31.22
C ASP B 197 -14.96 4.14 32.03
N PRO B 198 -15.25 4.19 33.36
CA PRO B 198 -14.80 5.30 34.21
C PRO B 198 -13.30 5.65 34.15
N GLU B 199 -12.45 4.66 33.90
CA GLU B 199 -11.00 4.83 33.80
C GLU B 199 -10.61 5.69 32.58
N SER B 200 -11.48 5.72 31.56
CA SER B 200 -11.26 6.49 30.34
C SER B 200 -12.41 7.48 30.07
N ASP B 201 -13.26 7.77 31.08
CA ASP B 201 -14.38 8.69 30.86
C ASP B 201 -13.99 10.12 31.23
N VAL B 202 -13.54 10.89 30.21
CA VAL B 202 -13.14 12.27 30.36
C VAL B 202 -14.33 13.17 30.73
N PHE B 203 -15.56 12.64 30.66
CA PHE B 203 -16.73 13.45 31.02
C PHE B 203 -17.32 12.99 32.37
N ASP B 204 -16.59 12.14 33.11
CA ASP B 204 -17.13 11.59 34.35
C ASP B 204 -17.30 12.66 35.43
N GLY B 205 -16.45 13.68 35.40
CA GLY B 205 -16.53 14.81 36.34
C GLY B 205 -17.71 15.75 36.10
N LEU B 206 -18.50 15.50 35.05
CA LEU B 206 -19.63 16.35 34.71
C LEU B 206 -20.91 15.72 35.24
N GLU B 207 -21.95 16.54 35.39
CA GLU B 207 -23.22 16.13 35.96
C GLU B 207 -24.34 16.88 35.24
N GLY B 208 -25.56 16.34 35.32
CA GLY B 208 -26.73 17.01 34.82
C GLY B 208 -26.54 17.46 33.38
N ALA B 209 -26.98 18.69 33.10
CA ALA B 209 -27.08 19.21 31.73
C ALA B 209 -25.68 19.33 31.10
N GLU B 210 -24.63 19.52 31.90
CA GLU B 210 -23.29 19.62 31.37
C GLU B 210 -22.89 18.26 30.78
N ARG B 211 -23.11 17.17 31.52
CA ARG B 211 -22.73 15.83 31.02
C ARG B 211 -23.53 15.50 29.76
N THR B 212 -24.82 15.86 29.77
CA THR B 212 -25.65 15.66 28.60
C THR B 212 -25.12 16.47 27.43
N LEU B 213 -24.83 17.75 27.62
CA LEU B 213 -24.38 18.62 26.51
C LEU B 213 -23.04 18.10 25.96
N ALA B 214 -22.17 17.57 26.83
CA ALA B 214 -20.91 17.04 26.38
C ALA B 214 -21.15 15.91 25.38
N PHE B 215 -22.00 14.94 25.74
CA PHE B 215 -22.25 13.78 24.88
C PHE B 215 -22.99 14.21 23.61
N ARG B 216 -24.05 14.99 23.76
CA ARG B 216 -24.85 15.39 22.61
C ARG B 216 -24.00 16.21 21.63
N SER B 217 -23.20 17.16 22.14
CA SER B 217 -22.44 18.05 21.26
C SER B 217 -21.30 17.27 20.60
N MET B 218 -20.66 16.37 21.38
CA MET B 218 -19.65 15.47 20.81
C MET B 218 -20.24 14.71 19.62
N ILE B 219 -21.41 14.10 19.84
CA ILE B 219 -22.07 13.27 18.85
C ILE B 219 -22.51 14.13 17.65
N ASP B 220 -23.11 15.30 17.90
CA ASP B 220 -23.56 16.19 16.84
C ASP B 220 -22.36 16.57 15.96
N CYS B 221 -21.23 16.89 16.62
CA CYS B 221 -20.03 17.28 15.89
C CYS B 221 -19.56 16.12 15.00
N VAL B 222 -19.41 14.92 15.56
CA VAL B 222 -18.94 13.79 14.74
C VAL B 222 -19.90 13.56 13.56
N LEU B 223 -21.21 13.58 13.81
CA LEU B 223 -22.22 13.35 12.73
C LEU B 223 -22.10 14.42 11.65
N ALA B 224 -21.58 15.59 12.01
CA ALA B 224 -21.53 16.72 11.07
C ALA B 224 -20.29 16.63 10.19
N THR B 225 -19.38 15.69 10.47
CA THR B 225 -18.15 15.50 9.67
C THR B 225 -18.44 14.73 8.37
N ASP B 226 -19.63 14.15 8.25
CA ASP B 226 -20.05 13.54 6.97
C ASP B 226 -20.14 14.65 5.91
N MET B 227 -19.26 14.57 4.93
CA MET B 227 -19.19 15.60 3.88
C MET B 227 -20.48 15.66 3.04
N ALA B 228 -21.38 14.70 3.21
CA ALA B 228 -22.65 14.77 2.48
C ALA B 228 -23.50 15.90 3.08
N LYS B 229 -23.23 16.24 4.34
CA LYS B 229 -23.97 17.31 5.04
C LYS B 229 -23.17 18.61 5.02
N HIS B 230 -22.13 18.67 4.21
CA HIS B 230 -21.25 19.86 4.14
C HIS B 230 -22.02 21.14 3.85
N GLY B 231 -22.78 21.14 2.77
CA GLY B 231 -23.52 22.35 2.36
C GLY B 231 -24.48 22.82 3.43
N SER B 232 -25.24 21.91 4.02
CA SER B 232 -26.27 22.31 4.99
C SER B 232 -25.67 22.73 6.32
N ALA B 233 -24.58 22.11 6.73
CA ALA B 233 -23.93 22.50 8.00
C ALA B 233 -23.41 23.91 7.84
N LEU B 234 -22.77 24.16 6.70
CA LEU B 234 -22.20 25.49 6.40
C LEU B 234 -23.30 26.55 6.34
N GLU B 235 -24.40 26.26 5.67
CA GLU B 235 -25.53 27.21 5.57
C GLU B 235 -26.10 27.48 6.96
N ALA B 236 -26.32 26.42 7.73
CA ALA B 236 -26.87 26.55 9.10
C ALA B 236 -25.94 27.38 9.98
N PHE B 237 -24.63 27.21 9.85
CA PHE B 237 -23.72 28.00 10.71
C PHE B 237 -23.83 29.46 10.29
N LEU B 238 -23.74 29.70 8.98
CA LEU B 238 -23.85 31.05 8.41
C LEU B 238 -25.16 31.71 8.86
N ALA B 239 -26.27 30.98 8.87
CA ALA B 239 -27.56 31.53 9.32
C ALA B 239 -27.54 31.78 10.83
N SER B 240 -26.90 30.93 11.62
CA SER B 240 -26.93 31.16 13.09
C SER B 240 -25.98 32.29 13.45
N ALA B 241 -24.92 32.47 12.66
CA ALA B 241 -23.90 33.50 12.89
C ALA B 241 -24.41 34.88 12.51
N ALA B 242 -25.35 34.93 11.57
CA ALA B 242 -25.91 36.24 11.17
C ALA B 242 -26.77 36.71 12.33
N ASP B 243 -27.63 35.83 12.81
CA ASP B 243 -28.48 36.20 13.96
C ASP B 243 -28.02 35.44 15.21
N GLN B 244 -26.78 35.77 15.60
CA GLN B 244 -26.09 35.29 16.81
C GLN B 244 -27.00 35.42 18.04
N SER B 245 -27.91 36.39 18.01
CA SER B 245 -28.74 36.78 19.16
C SER B 245 -30.09 36.08 19.17
N SER B 246 -30.60 35.68 18.00
CA SER B 246 -31.93 35.06 18.00
C SER B 246 -31.87 33.70 18.71
N ASP B 247 -30.80 32.91 18.50
CA ASP B 247 -30.69 31.57 19.08
C ASP B 247 -29.24 31.23 19.44
N GLU B 248 -28.91 31.47 20.70
CA GLU B 248 -27.55 31.45 21.17
C GLU B 248 -27.03 30.01 21.23
N ALA B 249 -27.87 29.14 21.79
CA ALA B 249 -27.52 27.74 21.95
C ALA B 249 -27.26 27.10 20.58
N ALA B 250 -28.10 27.46 19.59
CA ALA B 250 -27.94 26.98 18.22
C ALA B 250 -26.61 27.45 17.64
N PHE B 251 -26.27 28.74 17.86
CA PHE B 251 -25.05 29.29 17.28
C PHE B 251 -23.84 28.59 17.92
N HIS B 252 -23.91 28.33 19.23
CA HIS B 252 -22.84 27.63 19.91
C HIS B 252 -22.63 26.25 19.28
N ARG B 253 -23.74 25.52 19.12
CA ARG B 253 -23.65 24.14 18.60
C ARG B 253 -23.12 24.17 17.16
N MET B 254 -23.60 25.10 16.34
CA MET B 254 -23.17 25.18 14.93
C MET B 254 -21.70 25.59 14.85
N THR B 255 -21.25 26.47 15.74
CA THR B 255 -19.86 26.86 15.78
C THR B 255 -19.00 25.63 16.10
N MET B 256 -19.40 24.82 17.06
CA MET B 256 -18.70 23.57 17.37
C MET B 256 -18.61 22.67 16.11
N GLU B 257 -19.74 22.51 15.41
CA GLU B 257 -19.79 21.60 14.27
C GLU B 257 -18.86 22.10 13.15
N ILE B 258 -18.90 23.42 12.93
CA ILE B 258 -18.12 24.05 11.87
C ILE B 258 -16.62 23.97 12.20
N ILE B 259 -16.27 24.03 13.48
CA ILE B 259 -14.87 24.02 13.86
C ILE B 259 -14.30 22.60 13.73
N LEU B 260 -15.06 21.56 14.12
CA LEU B 260 -14.60 20.19 13.87
C LEU B 260 -14.45 19.99 12.36
N LYS B 261 -15.45 20.45 11.60
CA LYS B 261 -15.39 20.35 10.14
C LYS B 261 -14.16 21.09 9.62
N ALA B 262 -13.95 22.31 10.11
CA ALA B 262 -12.80 23.11 9.69
C ALA B 262 -11.49 22.35 9.94
N GLY B 263 -11.35 21.75 11.13
CA GLY B 263 -10.13 21.01 11.49
C GLY B 263 -9.98 19.81 10.57
N ASP B 264 -11.12 19.20 10.22
CA ASP B 264 -11.16 18.02 9.43
C ASP B 264 -10.65 18.28 8.01
N ILE B 265 -10.86 19.49 7.49
CA ILE B 265 -10.38 19.82 6.12
C ILE B 265 -9.31 20.91 6.16
N SER B 266 -8.49 20.91 7.22
CA SER B 266 -7.53 21.97 7.47
C SER B 266 -6.17 21.70 6.80
N ASN B 267 -6.00 20.52 6.19
CA ASN B 267 -4.69 20.13 5.60
C ASN B 267 -4.18 21.22 4.63
N VAL B 268 -5.08 21.79 3.82
CA VAL B 268 -4.74 22.81 2.82
C VAL B 268 -4.41 24.17 3.48
N THR B 269 -4.60 24.33 4.80
CA THR B 269 -4.30 25.59 5.49
C THR B 269 -2.92 25.52 6.11
N LYS B 270 -2.19 24.43 5.85
CA LYS B 270 -0.92 24.24 6.55
C LYS B 270 0.22 24.77 5.69
N PRO B 271 1.42 24.96 6.26
CA PRO B 271 2.62 25.25 5.48
C PRO B 271 2.76 24.17 4.40
N PHE B 272 3.20 24.57 3.21
CA PHE B 272 3.03 23.81 1.99
C PHE B 272 3.61 22.40 2.10
N ASP B 273 4.79 22.26 2.73
CA ASP B 273 5.42 20.93 2.83
C ASP B 273 4.58 19.98 3.69
N ILE B 274 3.93 20.52 4.73
CA ILE B 274 3.03 19.74 5.58
C ILE B 274 1.79 19.40 4.75
N SER B 275 1.21 20.41 4.11
CA SER B 275 0.04 20.25 3.28
C SER B 275 0.24 19.15 2.22
N ARG B 276 1.42 19.14 1.58
CA ARG B 276 1.77 18.21 0.52
C ARG B 276 1.80 16.78 1.09
N GLN B 277 2.42 16.61 2.25
CA GLN B 277 2.52 15.27 2.82
C GLN B 277 1.12 14.72 3.11
N TRP B 278 0.20 15.58 3.60
CA TRP B 278 -1.18 15.18 3.86
C TRP B 278 -1.85 14.75 2.56
N ALA B 279 -1.61 15.52 1.49
CA ALA B 279 -2.27 15.23 0.23
C ALA B 279 -1.78 13.87 -0.29
N MET B 280 -0.50 13.56 -0.07
CA MET B 280 0.05 12.29 -0.53
C MET B 280 -0.69 11.14 0.18
N ALA B 281 -0.83 11.26 1.50
CA ALA B 281 -1.43 10.21 2.32
C ALA B 281 -2.92 10.01 1.96
N VAL B 282 -3.69 11.09 1.82
CA VAL B 282 -5.12 10.97 1.51
C VAL B 282 -5.29 10.38 0.10
N THR B 283 -4.43 10.79 -0.83
CA THR B 283 -4.43 10.29 -2.20
C THR B 283 -4.17 8.77 -2.22
N GLU B 284 -3.24 8.30 -1.40
CA GLU B 284 -2.89 6.88 -1.37
C GLU B 284 -4.08 6.11 -0.79
N GLU B 285 -4.70 6.65 0.26
CA GLU B 285 -5.88 6.02 0.83
C GLU B 285 -7.02 5.95 -0.19
N PHE B 286 -7.29 7.04 -0.90
CA PHE B 286 -8.31 7.04 -1.95
C PHE B 286 -8.02 5.94 -2.98
N TYR B 287 -6.77 5.88 -3.47
CA TYR B 287 -6.39 4.91 -4.48
C TYR B 287 -6.61 3.47 -3.99
N ARG B 288 -6.28 3.20 -2.72
CA ARG B 288 -6.52 1.87 -2.12
C ARG B 288 -8.02 1.56 -2.05
N GLN B 289 -8.87 2.55 -1.77
CA GLN B 289 -10.31 2.30 -1.86
C GLN B 289 -10.67 1.92 -3.29
N GLY B 290 -10.11 2.63 -4.28
CA GLY B 290 -10.35 2.35 -5.68
C GLY B 290 -9.96 0.92 -6.07
N ASP B 291 -8.81 0.47 -5.55
CA ASP B 291 -8.32 -0.90 -5.73
C ASP B 291 -9.35 -1.91 -5.18
N MET B 292 -9.85 -1.71 -3.96
CA MET B 292 -10.84 -2.60 -3.38
C MET B 292 -12.20 -2.51 -4.08
N GLU B 293 -12.56 -1.36 -4.64
CA GLU B 293 -13.75 -1.29 -5.50
C GLU B 293 -13.56 -2.17 -6.74
N LYS B 294 -12.36 -2.12 -7.34
CA LYS B 294 -12.04 -2.96 -8.49
C LYS B 294 -12.22 -4.44 -8.12
N GLU B 295 -11.59 -4.87 -7.03
CA GLU B 295 -11.74 -6.24 -6.51
C GLU B 295 -13.22 -6.61 -6.35
N ARG B 296 -14.06 -5.67 -5.90
CA ARG B 296 -15.46 -5.96 -5.64
C ARG B 296 -16.29 -5.78 -6.91
N GLY B 297 -15.66 -5.31 -8.00
CA GLY B 297 -16.34 -5.09 -9.29
C GLY B 297 -17.42 -4.01 -9.24
N VAL B 298 -17.25 -2.97 -8.41
CA VAL B 298 -18.16 -1.84 -8.44
C VAL B 298 -17.45 -0.65 -9.10
N GLU B 299 -18.23 0.41 -9.38
CA GLU B 299 -17.77 1.61 -10.06
C GLU B 299 -16.65 2.27 -9.25
N VAL B 300 -15.58 2.66 -9.93
CA VAL B 300 -14.51 3.48 -9.36
C VAL B 300 -14.60 4.89 -9.95
N LEU B 301 -14.74 5.89 -9.07
CA LEU B 301 -14.77 7.29 -9.50
C LEU B 301 -13.34 7.69 -9.87
N PRO B 302 -13.14 8.61 -10.84
CA PRO B 302 -11.80 9.01 -11.29
C PRO B 302 -10.82 9.35 -10.15
N MET B 303 -11.29 10.10 -9.16
CA MET B 303 -10.49 10.54 -7.99
C MET B 303 -9.89 9.34 -7.23
N PHE B 304 -10.53 8.16 -7.35
CA PHE B 304 -10.13 6.96 -6.58
C PHE B 304 -9.29 5.99 -7.42
N ASP B 305 -9.07 6.34 -8.69
CA ASP B 305 -8.62 5.44 -9.72
C ASP B 305 -7.13 5.70 -10.04
N ARG B 306 -6.27 4.79 -9.61
CA ARG B 306 -4.83 4.88 -9.88
C ARG B 306 -4.51 5.00 -11.38
N SER B 307 -5.30 4.34 -12.23
CA SER B 307 -4.99 4.21 -13.65
C SER B 307 -5.19 5.55 -14.39
N LYS B 308 -5.94 6.49 -13.80
CA LYS B 308 -6.08 7.85 -14.36
C LYS B 308 -4.77 8.64 -14.22
N ASN B 309 -3.98 8.29 -13.19
CA ASN B 309 -2.58 8.73 -13.00
C ASN B 309 -2.54 10.25 -12.77
N MET B 310 -3.53 10.78 -12.06
CA MET B 310 -3.77 12.22 -12.00
C MET B 310 -2.75 12.83 -11.02
N GLU B 311 -2.26 14.04 -11.35
CA GLU B 311 -1.27 14.74 -10.53
C GLU B 311 -1.90 15.18 -9.22
N LEU B 312 -1.12 15.02 -8.16
CA LEU B 312 -1.43 15.51 -6.83
C LEU B 312 -1.93 16.96 -6.86
N ALA B 313 -1.15 17.82 -7.55
CA ALA B 313 -1.38 19.25 -7.63
C ALA B 313 -2.78 19.57 -8.18
N LYS B 314 -3.23 18.84 -9.19
CA LYS B 314 -4.57 19.05 -9.76
C LYS B 314 -5.64 18.70 -8.74
N GLY B 315 -5.43 17.58 -8.04
CA GLY B 315 -6.32 17.14 -6.97
C GLY B 315 -6.49 18.20 -5.90
N GLN B 316 -5.37 18.68 -5.37
CA GLN B 316 -5.38 19.70 -4.34
C GLN B 316 -6.02 21.01 -4.84
N ILE B 317 -5.67 21.46 -6.04
CA ILE B 317 -6.25 22.70 -6.56
C ILE B 317 -7.78 22.58 -6.66
N GLY B 318 -8.25 21.44 -7.16
CA GLY B 318 -9.70 21.21 -7.29
C GLY B 318 -10.40 21.25 -5.93
N PHE B 319 -9.77 20.59 -4.94
CA PHE B 319 -10.31 20.55 -3.58
C PHE B 319 -10.32 21.97 -3.02
N ILE B 320 -9.22 22.71 -3.23
CA ILE B 320 -9.13 24.08 -2.78
C ILE B 320 -10.27 24.89 -3.40
N ASP B 321 -10.44 24.79 -4.72
CA ASP B 321 -11.38 25.68 -5.40
C ASP B 321 -12.82 25.33 -5.08
N PHE B 322 -13.15 24.04 -4.99
CA PHE B 322 -14.56 23.62 -4.94
C PHE B 322 -15.03 23.43 -3.48
N VAL B 323 -14.13 23.14 -2.55
CA VAL B 323 -14.53 22.78 -1.19
C VAL B 323 -13.91 23.76 -0.19
N ALA B 324 -12.58 23.81 -0.11
CA ALA B 324 -11.90 24.35 1.06
C ALA B 324 -11.86 25.89 1.06
N ALA B 325 -11.54 26.53 -0.08
CA ALA B 325 -11.38 28.00 -0.08
C ALA B 325 -12.73 28.67 0.14
N PRO B 326 -13.83 28.25 -0.52
CA PRO B 326 -15.15 28.80 -0.21
C PRO B 326 -15.51 28.59 1.27
N PHE B 327 -15.24 27.40 1.81
CA PHE B 327 -15.62 27.09 3.17
C PHE B 327 -14.95 28.08 4.13
N PHE B 328 -13.60 28.13 4.07
CA PHE B 328 -12.84 28.91 5.00
C PHE B 328 -13.15 30.41 4.85
N GLN B 329 -13.30 30.88 3.61
CA GLN B 329 -13.55 32.27 3.34
C GLN B 329 -14.89 32.68 3.96
N LYS B 330 -15.90 31.83 3.79
CA LYS B 330 -17.26 32.12 4.22
C LYS B 330 -17.36 32.15 5.76
N ILE B 331 -16.65 31.24 6.45
CA ILE B 331 -16.77 31.18 7.92
C ILE B 331 -15.97 32.32 8.56
N VAL B 332 -14.82 32.65 7.97
CA VAL B 332 -14.01 33.79 8.40
C VAL B 332 -14.81 35.09 8.24
N ASP B 333 -15.44 35.27 7.07
CA ASP B 333 -16.17 36.49 6.75
C ASP B 333 -17.44 36.57 7.59
N ALA B 334 -18.04 35.44 7.87
CA ALA B 334 -19.31 35.49 8.59
C ALA B 334 -19.11 35.79 10.07
N CYS B 335 -17.91 35.58 10.60
CA CYS B 335 -17.87 35.39 12.01
C CYS B 335 -16.46 35.19 12.59
N LEU B 336 -15.62 34.38 11.94
CA LEU B 336 -14.37 33.89 12.52
C LEU B 336 -13.18 34.65 11.92
N GLN B 337 -13.20 35.98 12.06
CA GLN B 337 -12.19 36.88 11.45
C GLN B 337 -10.79 36.52 11.94
N GLY B 338 -10.70 35.96 13.16
CA GLY B 338 -9.40 35.60 13.72
C GLY B 338 -8.74 34.46 12.96
N MET B 339 -9.49 33.72 12.14
CA MET B 339 -8.94 32.58 11.37
C MET B 339 -8.59 33.02 9.93
N GLN B 340 -8.31 34.32 9.73
CA GLN B 340 -7.97 34.88 8.40
C GLN B 340 -6.80 34.11 7.77
N TRP B 341 -5.78 33.74 8.58
CA TRP B 341 -4.57 33.09 8.10
C TRP B 341 -4.88 31.80 7.30
N THR B 342 -5.99 31.12 7.58
CA THR B 342 -6.36 29.94 6.87
C THR B 342 -6.64 30.30 5.41
N VAL B 343 -7.37 31.38 5.19
CA VAL B 343 -7.67 31.81 3.83
C VAL B 343 -6.37 32.15 3.10
N ASP B 344 -5.46 32.84 3.80
CA ASP B 344 -4.18 33.28 3.26
C ASP B 344 -3.33 32.06 2.83
N ARG B 345 -3.23 31.05 3.71
CA ARG B 345 -2.37 29.93 3.43
C ARG B 345 -2.98 29.06 2.33
N ILE B 346 -4.31 28.99 2.23
CA ILE B 346 -4.91 28.20 1.17
C ILE B 346 -4.47 28.84 -0.15
N LYS B 347 -4.48 30.17 -0.18
CA LYS B 347 -4.25 30.96 -1.38
C LYS B 347 -2.82 30.74 -1.87
N SER B 348 -1.86 30.82 -0.95
CA SER B 348 -0.45 30.62 -1.25
C SER B 348 -0.15 29.15 -1.57
N ASN B 349 -0.90 28.23 -0.96
CA ASN B 349 -0.70 26.81 -1.23
C ASN B 349 -1.21 26.52 -2.65
N ARG B 350 -2.32 27.15 -3.04
CA ARG B 350 -2.86 26.93 -4.36
C ARG B 350 -1.87 27.45 -5.43
N ALA B 351 -1.23 28.58 -5.14
CA ALA B 351 -0.30 29.20 -6.08
C ALA B 351 0.95 28.32 -6.20
N GLN B 352 1.35 27.71 -5.08
CA GLN B 352 2.48 26.81 -5.09
C GLN B 352 2.14 25.50 -5.84
N TRP B 353 0.90 24.99 -5.74
CA TRP B 353 0.52 23.80 -6.51
C TRP B 353 0.58 24.11 -8.01
N GLU B 354 0.13 25.31 -8.39
CA GLU B 354 0.13 25.73 -9.79
C GLU B 354 1.57 25.76 -10.34
N ARG B 355 2.51 26.14 -9.48
CA ARG B 355 3.91 26.23 -9.85
C ARG B 355 4.52 24.83 -9.93
N VAL B 356 3.99 23.89 -9.15
CA VAL B 356 4.41 22.49 -9.24
C VAL B 356 3.98 21.94 -10.60
N LEU B 357 2.78 22.28 -11.07
CA LEU B 357 2.33 21.88 -12.41
C LEU B 357 3.23 22.52 -13.48
N GLU B 358 3.47 23.83 -13.33
CA GLU B 358 4.14 24.62 -14.36
C GLU B 358 5.56 24.09 -14.60
N THR B 359 6.22 23.55 -13.56
CA THR B 359 7.60 23.08 -13.63
C THR B 359 7.70 21.64 -13.10
#